data_9JTW
#
_entry.id   9JTW
#
_cell.length_a   1.00
_cell.length_b   1.00
_cell.length_c   1.00
_cell.angle_alpha   90.00
_cell.angle_beta   90.00
_cell.angle_gamma   90.00
#
_symmetry.space_group_name_H-M   'P 1'
#
_entity_poly.entity_id   1
_entity_poly.type   'polypeptide(L)'
_entity_poly.pdbx_seq_one_letter_code
;MEKVREIVREGIRVGNEDPRRIIHAFKVGLALVLVSSFYYYQPFGPFTDYFGINAMWAVMTVVVVFEFSVGATLGKGLNR
GVATLVAGGLGIGAHQLARLSGATVEPILLVMLVFVQAALSTFVRFFPWVKTKFDYGILIFILTFALISLSGFRDEEIMD
LAESRLSTVVIGGVSCILISIFVCPVWAGQDLHSLLASNFDTLSHFLQDFGDEYFEAREKGDYKVVEKRKKNLERYKSVL
DSKSDEEALANYAEWEPPHGQFRFRHPWKQYVAVGALLRQCAYRIDALNSYINSDFQIPVDIKKKLETPLRRMSSESGNS
MKEMSISLKQMIKSSSSDIHVSNSQAACKSLSTLLKSGILNDVEPLQMISLMTTVSMLIDIVNLTEKISESVHELASAAR
FKNKMRPTVLYEKSDSGSIGRAMPIDSHEDHHVVTVLHDVDNDRSNNVDDSRGGSSQDSCHHVAIKIVDDNSNHEKHEDG
EIHVHTLSNGHLQ
;
_entity_poly.pdbx_strand_id   A,B
#
# COMPACT_ATOMS: atom_id res chain seq x y z
N MET A 1 3.91 21.45 27.58
CA MET A 1 2.53 21.42 28.05
C MET A 1 1.55 21.31 26.87
N GLU A 2 1.70 22.22 25.91
CA GLU A 2 0.82 22.19 24.73
C GLU A 2 1.02 20.91 23.94
N LYS A 3 2.27 20.46 23.80
CA LYS A 3 2.53 19.19 23.13
C LYS A 3 1.89 18.02 23.88
N VAL A 4 1.94 18.07 25.21
CA VAL A 4 1.33 17.01 26.02
C VAL A 4 -0.18 16.97 25.79
N ARG A 5 -0.82 18.15 25.75
CA ARG A 5 -2.26 18.20 25.51
C ARG A 5 -2.62 17.64 24.15
N GLU A 6 -1.83 17.98 23.12
CA GLU A 6 -2.07 17.46 21.79
C GLU A 6 -1.96 15.94 21.74
N ILE A 7 -0.95 15.39 22.44
CA ILE A 7 -0.79 13.95 22.50
C ILE A 7 -2.00 13.30 23.18
N VAL A 8 -2.45 13.89 24.29
CA VAL A 8 -3.60 13.35 25.00
C VAL A 8 -4.84 13.39 24.13
N ARG A 9 -5.08 14.50 23.44
CA ARG A 9 -6.28 14.65 22.63
C ARG A 9 -6.38 13.58 21.56
N GLU A 10 -5.25 13.26 20.91
CA GLU A 10 -5.23 12.16 19.95
C GLU A 10 -5.67 10.84 20.59
N GLY A 11 -5.45 10.68 21.90
CA GLY A 11 -5.85 9.45 22.56
C GLY A 11 -7.33 9.16 22.46
N ILE A 12 -8.17 10.16 22.78
CA ILE A 12 -9.61 9.95 22.70
C ILE A 12 -10.05 9.80 21.25
N ARG A 13 -9.41 10.53 20.33
CA ARG A 13 -9.78 10.43 18.92
C ARG A 13 -9.54 9.02 18.39
N VAL A 14 -8.39 8.43 18.72
CA VAL A 14 -8.10 7.07 18.29
C VAL A 14 -8.97 6.07 19.05
N GLY A 15 -9.14 6.27 20.36
CA GLY A 15 -9.91 5.33 21.15
C GLY A 15 -11.37 5.29 20.76
N ASN A 16 -11.99 6.45 20.56
CA ASN A 16 -13.40 6.51 20.19
C ASN A 16 -13.63 6.15 18.72
N GLU A 17 -12.59 6.18 17.89
CA GLU A 17 -12.73 5.80 16.49
C GLU A 17 -13.09 4.32 16.37
N ASP A 18 -12.48 3.48 17.20
CA ASP A 18 -12.76 2.05 17.20
C ASP A 18 -12.54 1.50 18.60
N PRO A 19 -13.58 0.97 19.25
CA PRO A 19 -13.42 0.42 20.60
C PRO A 19 -12.51 -0.79 20.67
N ARG A 20 -12.19 -1.42 19.55
CA ARG A 20 -11.37 -2.63 19.55
C ARG A 20 -9.89 -2.34 19.54
N ARG A 21 -9.49 -1.07 19.43
CA ARG A 21 -8.08 -0.70 19.48
C ARG A 21 -7.56 -0.51 20.90
N ILE A 22 -8.44 -0.53 21.91
CA ILE A 22 -8.03 -0.39 23.30
C ILE A 22 -8.08 -1.70 24.07
N ILE A 23 -8.71 -2.75 23.51
CA ILE A 23 -8.76 -4.04 24.18
C ILE A 23 -7.68 -4.98 23.64
N HIS A 24 -7.00 -4.60 22.55
CA HIS A 24 -5.96 -5.42 21.98
C HIS A 24 -4.64 -5.30 22.75
N ALA A 25 -4.46 -4.21 23.48
CA ALA A 25 -3.26 -4.07 24.30
C ALA A 25 -3.27 -5.06 25.46
N PHE A 26 -4.42 -5.22 26.11
CA PHE A 26 -4.53 -6.20 27.19
C PHE A 26 -4.23 -7.60 26.69
N LYS A 27 -4.62 -7.91 25.45
CA LYS A 27 -4.35 -9.23 24.90
C LYS A 27 -2.86 -9.47 24.72
N VAL A 28 -2.14 -8.50 24.17
CA VAL A 28 -0.69 -8.59 24.06
C VAL A 28 -0.06 -8.82 25.43
N GLY A 29 -0.60 -8.13 26.46
CA GLY A 29 -0.04 -8.28 27.79
C GLY A 29 -0.26 -9.67 28.36
N LEU A 30 -1.48 -10.19 28.25
CA LEU A 30 -1.79 -11.53 28.75
C LEU A 30 -0.89 -12.57 28.07
N ALA A 31 -0.59 -12.37 26.79
CA ALA A 31 0.33 -13.26 26.09
C ALA A 31 1.69 -13.31 26.78
N LEU A 32 2.38 -12.17 26.84
CA LEU A 32 3.72 -12.10 27.41
C LEU A 32 3.78 -12.51 28.88
N VAL A 33 2.64 -12.73 29.53
CA VAL A 33 2.62 -13.20 30.90
C VAL A 33 2.39 -14.71 30.98
N LEU A 34 1.46 -15.23 30.19
CA LEU A 34 1.18 -16.66 30.21
C LEU A 34 2.41 -17.47 29.79
N VAL A 35 3.07 -17.06 28.71
CA VAL A 35 4.26 -17.76 28.25
C VAL A 35 5.36 -17.72 29.31
N SER A 36 5.55 -16.56 29.94
CA SER A 36 6.58 -16.39 30.95
C SER A 36 6.21 -16.99 32.30
N SER A 37 5.01 -17.55 32.43
CA SER A 37 4.60 -18.25 33.63
C SER A 37 4.81 -19.75 33.54
N PHE A 38 4.75 -20.31 32.33
CA PHE A 38 4.98 -21.74 32.15
C PHE A 38 6.39 -22.10 32.58
N TYR A 39 7.39 -21.40 32.05
CA TYR A 39 8.79 -21.73 32.35
C TYR A 39 9.06 -21.69 33.85
N TYR A 40 8.70 -20.58 34.50
CA TYR A 40 9.02 -20.41 35.92
C TYR A 40 8.46 -21.54 36.78
N TYR A 41 7.21 -21.95 36.54
CA TYR A 41 6.62 -23.05 37.27
C TYR A 41 6.87 -24.41 36.63
N GLN A 42 7.74 -24.47 35.61
CA GLN A 42 8.20 -25.64 34.86
C GLN A 42 7.31 -26.87 34.99
N PRO A 43 6.11 -26.88 34.40
CA PRO A 43 5.23 -28.03 34.52
C PRO A 43 5.61 -29.11 33.52
N PHE A 44 4.82 -30.18 33.49
CA PHE A 44 5.03 -31.31 32.58
C PHE A 44 6.47 -31.82 32.75
N GLY A 45 6.93 -31.88 34.00
CA GLY A 45 8.24 -32.38 34.30
C GLY A 45 9.31 -31.31 34.09
N PRO A 46 10.56 -31.68 34.32
CA PRO A 46 11.65 -30.69 34.16
C PRO A 46 12.13 -30.62 32.73
N PHE A 47 13.12 -29.76 32.47
CA PHE A 47 13.64 -29.55 31.13
C PHE A 47 15.16 -29.44 31.22
N THR A 48 15.77 -28.96 30.13
CA THR A 48 17.23 -28.91 30.03
C THR A 48 17.76 -27.49 30.11
N ASP A 49 17.31 -26.59 29.23
CA ASP A 49 17.78 -25.21 29.18
C ASP A 49 19.31 -25.15 29.23
N TYR A 50 19.93 -25.96 28.37
CA TYR A 50 21.39 -26.09 28.39
C TYR A 50 22.07 -24.74 28.19
N PHE A 51 21.62 -23.96 27.19
CA PHE A 51 22.27 -22.70 26.86
C PHE A 51 21.63 -21.52 27.59
N GLY A 52 20.59 -21.74 28.38
CA GLY A 52 19.96 -20.69 29.16
C GLY A 52 19.43 -19.55 28.34
N ILE A 53 18.69 -19.86 27.26
CA ILE A 53 18.14 -18.83 26.39
C ILE A 53 16.72 -19.19 25.99
N ASN A 54 16.15 -20.18 26.67
CA ASN A 54 14.78 -20.58 26.36
C ASN A 54 13.79 -19.47 26.67
N ALA A 55 13.95 -18.81 27.82
CA ALA A 55 13.04 -17.73 28.18
C ALA A 55 13.13 -16.56 27.19
N MET A 56 14.35 -16.20 26.79
CA MET A 56 14.53 -15.09 25.86
C MET A 56 13.87 -15.40 24.52
N TRP A 57 14.08 -16.61 23.99
CA TRP A 57 13.51 -16.96 22.69
C TRP A 57 11.99 -17.05 22.74
N ALA A 58 11.45 -17.63 23.81
CA ALA A 58 10.00 -17.72 23.94
C ALA A 58 9.35 -16.35 24.03
N VAL A 59 9.94 -15.44 24.81
CA VAL A 59 9.42 -14.09 24.93
C VAL A 59 9.52 -13.36 23.60
N MET A 60 10.65 -13.50 22.90
CA MET A 60 10.87 -12.75 21.67
C MET A 60 9.87 -13.12 20.58
N THR A 61 9.61 -14.41 20.40
CA THR A 61 8.71 -14.84 19.33
C THR A 61 7.26 -14.44 19.59
N VAL A 62 6.88 -14.19 20.84
CA VAL A 62 5.50 -13.80 21.14
C VAL A 62 5.23 -12.34 20.78
N VAL A 63 6.26 -11.50 20.75
CA VAL A 63 6.05 -10.09 20.45
C VAL A 63 6.03 -9.85 18.95
N VAL A 64 6.71 -10.68 18.16
CA VAL A 64 6.84 -10.46 16.73
C VAL A 64 5.80 -11.22 15.90
N VAL A 65 5.09 -12.19 16.49
CA VAL A 65 4.09 -12.93 15.74
C VAL A 65 2.67 -12.64 16.24
N PHE A 66 2.46 -11.52 16.92
CA PHE A 66 1.13 -11.12 17.38
C PHE A 66 0.74 -9.83 16.67
N GLU A 67 -0.23 -9.91 15.76
CA GLU A 67 -0.68 -8.74 15.02
C GLU A 67 -2.17 -8.50 15.25
N PHE A 68 -2.60 -7.30 14.83
CA PHE A 68 -3.96 -6.84 15.09
C PHE A 68 -5.04 -7.81 14.62
N SER A 69 -4.82 -8.47 13.50
CA SER A 69 -5.88 -9.31 12.95
C SER A 69 -5.84 -10.72 13.54
N VAL A 70 -6.48 -11.66 12.85
CA VAL A 70 -6.48 -13.07 13.19
C VAL A 70 -6.15 -13.85 11.93
N GLY A 71 -5.79 -13.13 10.88
CA GLY A 71 -5.40 -13.71 9.62
C GLY A 71 -3.97 -13.33 9.34
N ALA A 72 -3.40 -12.53 10.24
CA ALA A 72 -2.00 -12.15 10.20
C ALA A 72 -1.22 -12.73 11.37
N THR A 73 -1.82 -13.65 12.13
CA THR A 73 -1.12 -14.37 13.18
C THR A 73 -0.85 -15.82 12.78
N LEU A 74 -1.87 -16.51 12.24
CA LEU A 74 -1.64 -17.87 11.73
C LEU A 74 -0.58 -17.85 10.64
N GLY A 75 -0.70 -16.92 9.69
CA GLY A 75 0.22 -16.86 8.57
C GLY A 75 1.63 -16.62 9.06
N LYS A 76 1.83 -15.55 9.84
CA LYS A 76 3.17 -15.27 10.35
C LYS A 76 3.67 -16.44 11.18
N GLY A 77 2.78 -17.05 11.96
CA GLY A 77 3.18 -18.17 12.81
C GLY A 77 3.64 -19.36 11.98
N LEU A 78 2.82 -19.76 11.01
CA LEU A 78 3.17 -20.89 10.14
C LEU A 78 4.49 -20.66 9.42
N ASN A 79 4.73 -19.44 8.94
CA ASN A 79 6.01 -19.15 8.30
C ASN A 79 7.15 -19.33 9.28
N ARG A 80 7.09 -18.64 10.43
CA ARG A 80 8.16 -18.73 11.41
C ARG A 80 8.40 -20.16 11.87
N GLY A 81 7.38 -21.01 11.78
CA GLY A 81 7.48 -22.40 12.17
C GLY A 81 8.22 -23.23 11.15
N VAL A 82 7.60 -23.40 9.98
CA VAL A 82 8.16 -24.26 8.93
C VAL A 82 9.60 -23.87 8.64
N ALA A 83 9.81 -22.61 8.27
CA ALA A 83 11.14 -22.09 7.91
C ALA A 83 12.23 -22.62 8.82
N THR A 84 12.02 -22.50 10.14
CA THR A 84 13.04 -22.91 11.11
C THR A 84 13.36 -24.40 10.96
N LEU A 85 12.32 -25.24 10.97
CA LEU A 85 12.50 -26.68 10.79
C LEU A 85 13.36 -26.97 9.57
N VAL A 86 12.94 -26.50 8.40
CA VAL A 86 13.68 -26.77 7.16
C VAL A 86 15.11 -26.25 7.28
N ALA A 87 15.26 -24.99 7.72
CA ALA A 87 16.58 -24.39 7.81
C ALA A 87 17.48 -25.14 8.78
N GLY A 88 16.92 -25.57 9.91
CA GLY A 88 17.67 -26.32 10.89
C GLY A 88 18.19 -27.63 10.33
N GLY A 89 17.29 -28.45 9.78
CA GLY A 89 17.66 -29.67 9.10
C GLY A 89 18.84 -29.51 8.18
N LEU A 90 18.72 -28.58 7.22
CA LEU A 90 19.82 -28.31 6.30
C LEU A 90 21.08 -27.87 7.04
N GLY A 91 20.93 -27.24 8.20
CA GLY A 91 22.07 -26.77 8.96
C GLY A 91 22.83 -27.88 9.64
N ILE A 92 22.16 -28.64 10.50
CA ILE A 92 22.81 -29.74 11.22
C ILE A 92 23.53 -30.66 10.25
N GLY A 93 22.92 -30.91 9.08
CA GLY A 93 23.56 -31.74 8.08
C GLY A 93 24.85 -31.13 7.58
N ALA A 94 24.80 -29.85 7.20
CA ALA A 94 25.98 -29.15 6.69
C ALA A 94 27.17 -29.30 7.62
N HIS A 95 26.93 -29.21 8.94
CA HIS A 95 28.03 -29.34 9.90
C HIS A 95 28.71 -30.71 9.79
N GLN A 96 27.95 -31.76 9.50
CA GLN A 96 28.55 -33.08 9.32
C GLN A 96 29.54 -33.07 8.17
N LEU A 97 29.16 -32.46 7.04
CA LEU A 97 30.05 -32.42 5.87
C LEU A 97 31.39 -31.79 6.20
N ALA A 98 31.36 -30.61 6.85
CA ALA A 98 32.60 -29.90 7.14
C ALA A 98 33.52 -30.68 8.04
N ARG A 99 32.97 -31.50 8.94
CA ARG A 99 33.80 -32.34 9.80
C ARG A 99 34.65 -33.30 8.98
N LEU A 100 34.02 -34.00 8.03
CA LEU A 100 34.75 -34.92 7.17
C LEU A 100 35.89 -34.22 6.43
N SER A 101 35.67 -32.97 6.01
CA SER A 101 36.69 -32.25 5.25
C SER A 101 37.99 -32.10 6.05
N GLY A 102 37.87 -31.85 7.34
CA GLY A 102 39.04 -31.79 8.20
C GLY A 102 38.81 -30.82 9.35
N ALA A 103 39.87 -30.13 9.74
CA ALA A 103 39.83 -29.22 10.87
C ALA A 103 40.29 -27.80 10.55
N THR A 104 40.81 -27.55 9.35
CA THR A 104 41.24 -26.21 8.95
C THR A 104 40.33 -25.60 7.91
N VAL A 105 39.99 -26.34 6.85
CA VAL A 105 39.09 -25.83 5.84
C VAL A 105 37.67 -25.71 6.39
N GLU A 106 37.29 -26.58 7.33
CA GLU A 106 35.95 -26.70 7.91
C GLU A 106 35.26 -25.36 8.16
N PRO A 107 35.94 -24.33 8.69
CA PRO A 107 35.25 -23.04 8.86
C PRO A 107 35.09 -22.29 7.55
N ILE A 108 36.09 -22.39 6.68
CA ILE A 108 36.03 -21.73 5.38
C ILE A 108 34.90 -22.32 4.54
N LEU A 109 34.76 -23.65 4.54
CA LEU A 109 33.69 -24.29 3.78
C LEU A 109 32.32 -23.87 4.27
N LEU A 110 32.14 -23.79 5.60
CA LEU A 110 30.85 -23.40 6.15
C LEU A 110 30.45 -22.00 5.69
N VAL A 111 31.41 -21.07 5.66
CA VAL A 111 31.13 -19.70 5.23
C VAL A 111 30.65 -19.69 3.78
N MET A 112 31.29 -20.49 2.93
CA MET A 112 30.92 -20.51 1.51
C MET A 112 29.48 -20.99 1.31
N LEU A 113 29.07 -22.04 2.04
CA LEU A 113 27.71 -22.53 1.89
C LEU A 113 26.68 -21.49 2.34
N VAL A 114 26.92 -20.83 3.47
CA VAL A 114 25.97 -19.84 3.95
C VAL A 114 25.92 -18.63 3.01
N PHE A 115 27.06 -18.26 2.41
CA PHE A 115 27.06 -17.16 1.45
C PHE A 115 26.18 -17.48 0.24
N VAL A 116 26.35 -18.67 -0.33
CA VAL A 116 25.58 -19.03 -1.53
C VAL A 116 24.10 -19.11 -1.20
N GLN A 117 23.75 -19.75 -0.08
CA GLN A 117 22.34 -19.90 0.28
C GLN A 117 21.69 -18.55 0.54
N ALA A 118 22.39 -17.65 1.23
CA ALA A 118 21.81 -16.34 1.52
C ALA A 118 21.56 -15.55 0.24
N ALA A 119 22.51 -15.57 -0.69
CA ALA A 119 22.34 -14.84 -1.95
C ALA A 119 21.17 -15.39 -2.75
N LEU A 120 21.06 -16.72 -2.85
CA LEU A 120 19.97 -17.32 -3.63
C LEU A 120 18.61 -16.97 -3.02
N SER A 121 18.49 -17.07 -1.70
CA SER A 121 17.21 -16.82 -1.05
C SER A 121 16.76 -15.37 -1.21
N THR A 122 17.68 -14.42 -1.02
CA THR A 122 17.30 -13.01 -1.10
C THR A 122 17.02 -12.56 -2.53
N PHE A 123 17.46 -13.32 -3.53
CA PHE A 123 17.05 -13.04 -4.90
C PHE A 123 15.62 -13.51 -5.13
N VAL A 124 15.24 -14.62 -4.53
CA VAL A 124 13.86 -15.12 -4.65
C VAL A 124 12.89 -14.13 -4.02
N ARG A 125 13.36 -13.33 -3.06
CA ARG A 125 12.49 -12.38 -2.37
C ARG A 125 11.89 -11.35 -3.32
N PHE A 126 12.51 -11.12 -4.48
CA PHE A 126 12.05 -10.10 -5.42
C PHE A 126 11.00 -10.61 -6.38
N PHE A 127 10.64 -11.88 -6.31
CA PHE A 127 9.62 -12.42 -7.20
C PHE A 127 8.25 -11.81 -6.87
N PRO A 128 7.38 -11.69 -7.86
CA PRO A 128 6.03 -11.15 -7.60
C PRO A 128 5.03 -12.19 -7.13
N TRP A 129 5.43 -13.46 -7.01
CA TRP A 129 4.53 -14.51 -6.54
C TRP A 129 4.77 -14.90 -5.10
N VAL A 130 5.98 -14.74 -4.59
CA VAL A 130 6.30 -15.07 -3.20
C VAL A 130 6.35 -13.82 -2.32
N LYS A 131 5.97 -12.66 -2.85
CA LYS A 131 6.01 -11.41 -2.10
C LYS A 131 4.68 -11.06 -1.46
N THR A 132 3.57 -11.57 -1.99
CA THR A 132 2.26 -11.22 -1.44
C THR A 132 1.98 -11.94 -0.13
N LYS A 133 2.41 -13.19 -0.01
CA LYS A 133 2.06 -14.00 1.15
C LYS A 133 3.22 -14.78 1.74
N PHE A 134 4.44 -14.65 1.21
CA PHE A 134 5.56 -15.44 1.69
C PHE A 134 6.82 -14.60 1.86
N ASP A 135 6.66 -13.32 2.20
CA ASP A 135 7.81 -12.46 2.42
C ASP A 135 8.50 -12.73 3.76
N TYR A 136 7.80 -13.38 4.69
CA TYR A 136 8.39 -13.70 5.99
C TYR A 136 9.10 -15.04 6.01
N GLY A 137 8.62 -16.02 5.23
CA GLY A 137 9.24 -17.33 5.26
C GLY A 137 10.68 -17.31 4.79
N ILE A 138 10.97 -16.57 3.72
CA ILE A 138 12.33 -16.49 3.21
C ILE A 138 13.25 -15.80 4.22
N LEU A 139 12.76 -14.75 4.86
CA LEU A 139 13.58 -14.03 5.83
C LEU A 139 13.98 -14.91 7.01
N ILE A 140 13.03 -15.67 7.55
CA ILE A 140 13.34 -16.58 8.65
C ILE A 140 14.25 -17.71 8.18
N PHE A 141 14.08 -18.16 6.93
CA PHE A 141 14.95 -19.20 6.38
C PHE A 141 16.42 -18.75 6.41
N ILE A 142 16.69 -17.53 5.92
CA ILE A 142 18.03 -17.00 5.98
C ILE A 142 18.49 -16.86 7.43
N LEU A 143 17.63 -16.32 8.28
CA LEU A 143 17.98 -16.08 9.68
C LEU A 143 18.35 -17.38 10.39
N THR A 144 17.48 -18.39 10.31
CA THR A 144 17.70 -19.63 11.06
C THR A 144 18.92 -20.38 10.55
N PHE A 145 19.10 -20.44 9.21
CA PHE A 145 20.24 -21.16 8.66
C PHE A 145 21.56 -20.51 9.07
N ALA A 146 21.63 -19.18 8.99
CA ALA A 146 22.87 -18.48 9.32
C ALA A 146 23.20 -18.58 10.80
N LEU A 147 22.18 -18.61 11.66
CA LEU A 147 22.42 -18.72 13.10
C LEU A 147 22.94 -20.10 13.47
N ILE A 148 22.29 -21.15 12.98
CA ILE A 148 22.66 -22.51 13.36
C ILE A 148 24.00 -22.89 12.75
N SER A 149 24.18 -22.60 11.45
CA SER A 149 25.39 -23.01 10.75
C SER A 149 26.62 -22.21 11.18
N LEU A 150 26.43 -21.08 11.85
CA LEU A 150 27.54 -20.23 12.26
C LEU A 150 27.32 -19.75 13.69
N SER A 151 26.92 -20.68 14.56
CA SER A 151 26.72 -20.33 15.96
C SER A 151 28.04 -20.21 16.71
N GLY A 152 29.06 -20.94 16.29
CA GLY A 152 30.34 -20.94 16.96
C GLY A 152 30.49 -21.97 18.06
N PHE A 153 29.49 -22.82 18.27
CA PHE A 153 29.54 -23.84 19.30
C PHE A 153 30.26 -25.08 18.79
N ARG A 154 30.36 -26.10 19.64
CA ARG A 154 31.01 -27.34 19.28
C ARG A 154 30.06 -28.22 18.47
N ASP A 155 30.63 -29.24 17.83
CA ASP A 155 29.87 -30.14 16.97
C ASP A 155 29.04 -31.16 17.74
N GLU A 156 29.24 -31.27 19.06
CA GLU A 156 28.49 -32.20 19.87
C GLU A 156 27.29 -31.57 20.56
N GLU A 157 26.92 -30.35 20.18
CA GLU A 157 25.78 -29.68 20.77
C GLU A 157 24.90 -28.99 19.74
N ILE A 158 25.17 -29.16 18.45
CA ILE A 158 24.35 -28.52 17.41
C ILE A 158 22.96 -29.11 17.39
N MET A 159 22.83 -30.41 17.60
CA MET A 159 21.52 -31.05 17.61
C MET A 159 20.65 -30.49 18.74
N ASP A 160 21.24 -30.31 19.92
CA ASP A 160 20.49 -29.72 21.03
C ASP A 160 20.09 -28.28 20.73
N LEU A 161 20.98 -27.52 20.09
CA LEU A 161 20.65 -26.15 19.72
C LEU A 161 19.48 -26.09 18.75
N ALA A 162 19.50 -26.96 17.73
CA ALA A 162 18.40 -26.99 16.77
C ALA A 162 17.08 -27.39 17.44
N GLU A 163 17.13 -28.38 18.32
CA GLU A 163 15.92 -28.80 19.03
C GLU A 163 15.39 -27.68 19.91
N SER A 164 16.27 -26.97 20.61
CA SER A 164 15.84 -25.89 21.49
C SER A 164 15.16 -24.78 20.71
N ARG A 165 15.74 -24.38 19.57
CA ARG A 165 15.15 -23.31 18.77
C ARG A 165 13.76 -23.69 18.29
N LEU A 166 13.60 -24.91 17.78
CA LEU A 166 12.30 -25.35 17.29
C LEU A 166 11.27 -25.41 18.41
N SER A 167 11.68 -25.90 19.58
CA SER A 167 10.73 -26.05 20.68
C SER A 167 10.19 -24.70 21.15
N THR A 168 11.07 -23.71 21.31
CA THR A 168 10.61 -22.39 21.75
C THR A 168 9.68 -21.75 20.74
N VAL A 169 9.99 -21.88 19.45
CA VAL A 169 9.18 -21.24 18.41
C VAL A 169 7.76 -21.81 18.41
N VAL A 170 7.64 -23.13 18.49
CA VAL A 170 6.33 -23.76 18.43
C VAL A 170 5.51 -23.42 19.68
N ILE A 171 6.18 -23.33 20.84
CA ILE A 171 5.46 -23.00 22.07
C ILE A 171 4.90 -21.59 22.00
N GLY A 172 5.72 -20.63 21.57
CA GLY A 172 5.25 -19.25 21.47
C GLY A 172 4.13 -19.09 20.46
N GLY A 173 4.26 -19.72 19.28
CA GLY A 173 3.23 -19.60 18.28
C GLY A 173 1.90 -20.19 18.71
N VAL A 174 1.94 -21.34 19.38
CA VAL A 174 0.71 -22.00 19.81
C VAL A 174 -0.05 -21.12 20.81
N SER A 175 0.67 -20.56 21.78
CA SER A 175 0.03 -19.69 22.77
C SER A 175 -0.55 -18.45 22.12
N CYS A 176 0.21 -17.81 21.21
CA CYS A 176 -0.26 -16.59 20.57
C CYS A 176 -1.50 -16.84 19.72
N ILE A 177 -1.53 -17.97 19.00
CA ILE A 177 -2.67 -18.27 18.16
C ILE A 177 -3.91 -18.56 18.99
N LEU A 178 -3.74 -19.33 20.08
CA LEU A 178 -4.88 -19.73 20.90
C LEU A 178 -5.60 -18.52 21.49
N ILE A 179 -4.83 -17.59 22.08
CA ILE A 179 -5.42 -16.39 22.68
C ILE A 179 -6.26 -15.64 21.65
N SER A 180 -5.64 -15.29 20.52
CA SER A 180 -6.30 -14.49 19.49
C SER A 180 -7.44 -15.22 18.79
N ILE A 181 -7.72 -16.47 19.13
CA ILE A 181 -8.85 -17.19 18.55
C ILE A 181 -9.82 -17.68 19.63
N PHE A 182 -9.66 -17.21 20.86
CA PHE A 182 -10.58 -17.63 21.92
C PHE A 182 -11.20 -16.44 22.66
N VAL A 183 -10.38 -15.54 23.17
CA VAL A 183 -10.87 -14.42 23.99
C VAL A 183 -11.06 -13.19 23.10
N CYS A 184 -12.34 -12.86 22.84
CA CYS A 184 -12.78 -11.70 22.07
C CYS A 184 -11.97 -11.57 20.79
N PRO A 185 -12.35 -12.22 19.71
CA PRO A 185 -11.53 -12.20 18.49
C PRO A 185 -11.89 -11.04 17.57
N VAL A 186 -11.00 -10.81 16.61
CA VAL A 186 -11.19 -9.82 15.56
C VAL A 186 -10.81 -10.50 14.23
N TRP A 187 -11.81 -10.72 13.39
CA TRP A 187 -11.58 -11.38 12.11
C TRP A 187 -11.25 -10.34 11.04
N ALA A 188 -10.62 -10.80 9.97
CA ALA A 188 -10.18 -9.90 8.91
C ALA A 188 -11.11 -9.91 7.71
N GLY A 189 -11.69 -11.05 7.36
CA GLY A 189 -12.67 -11.07 6.30
C GLY A 189 -13.91 -10.27 6.68
N GLN A 190 -14.33 -10.38 7.94
CA GLN A 190 -15.46 -9.61 8.43
C GLN A 190 -15.24 -8.11 8.35
N ASP A 191 -13.99 -7.67 8.17
CA ASP A 191 -13.69 -6.27 7.96
C ASP A 191 -13.57 -5.91 6.48
N LEU A 192 -13.79 -6.88 5.59
CA LEU A 192 -13.88 -6.62 4.16
C LEU A 192 -15.33 -6.47 3.72
N HIS A 193 -16.23 -7.26 4.29
CA HIS A 193 -17.66 -7.12 4.02
C HIS A 193 -18.13 -5.71 4.35
N SER A 194 -18.01 -5.32 5.63
CA SER A 194 -18.49 -4.01 6.08
C SER A 194 -17.89 -2.88 5.26
N LEU A 195 -16.61 -3.00 4.89
CA LEU A 195 -16.00 -1.96 4.07
C LEU A 195 -16.66 -1.85 2.71
N LEU A 196 -16.97 -3.00 2.09
CA LEU A 196 -17.67 -2.98 0.81
C LEU A 196 -19.07 -2.40 0.96
N ALA A 197 -19.79 -2.78 2.01
CA ALA A 197 -21.14 -2.26 2.23
C ALA A 197 -21.12 -0.75 2.45
N SER A 198 -20.14 -0.25 3.22
CA SER A 198 -20.04 1.19 3.45
C SER A 198 -19.78 1.93 2.16
N ASN A 199 -18.95 1.37 1.28
CA ASN A 199 -18.71 1.99 -0.02
C ASN A 199 -19.99 2.10 -0.85
N PHE A 200 -20.80 1.04 -0.85
CA PHE A 200 -22.08 1.08 -1.56
C PHE A 200 -22.98 2.17 -1.00
N ASP A 201 -23.10 2.25 0.32
CA ASP A 201 -23.99 3.22 0.94
C ASP A 201 -23.53 4.65 0.68
N THR A 202 -22.21 4.90 0.72
CA THR A 202 -21.70 6.24 0.52
C THR A 202 -22.04 6.76 -0.88
N LEU A 203 -21.86 5.93 -1.91
CA LEU A 203 -22.20 6.34 -3.27
C LEU A 203 -23.69 6.62 -3.41
N SER A 204 -24.52 5.78 -2.77
CA SER A 204 -25.96 5.98 -2.84
C SER A 204 -26.39 7.31 -2.25
N HIS A 205 -25.78 7.71 -1.14
CA HIS A 205 -26.16 8.96 -0.49
C HIS A 205 -25.88 10.16 -1.38
N PHE A 206 -24.74 10.17 -2.07
CA PHE A 206 -24.44 11.25 -3.00
C PHE A 206 -25.44 11.27 -4.15
N LEU A 207 -25.77 10.10 -4.70
CA LEU A 207 -26.66 10.05 -5.85
C LEU A 207 -28.08 10.46 -5.48
N GLN A 208 -28.51 10.11 -4.27
CA GLN A 208 -29.87 10.43 -3.84
C GLN A 208 -30.07 11.91 -3.53
N ASP A 209 -28.99 12.70 -3.47
CA ASP A 209 -29.04 14.11 -3.11
C ASP A 209 -28.36 14.94 -4.20
N PHE A 210 -28.67 14.64 -5.45
CA PHE A 210 -28.11 15.34 -6.60
C PHE A 210 -29.08 16.32 -7.23
N GLY A 211 -30.37 15.99 -7.25
CA GLY A 211 -31.33 16.87 -7.89
C GLY A 211 -31.45 18.21 -7.20
N ASP A 212 -31.35 18.22 -5.87
CA ASP A 212 -31.47 19.47 -5.12
C ASP A 212 -30.36 20.44 -5.48
N GLU A 213 -29.12 19.94 -5.58
CA GLU A 213 -27.99 20.82 -5.87
C GLU A 213 -27.99 21.25 -7.33
N TYR A 214 -28.27 20.33 -8.25
CA TYR A 214 -28.17 20.64 -9.67
C TYR A 214 -29.26 21.60 -10.11
N PHE A 215 -30.48 21.44 -9.58
CA PHE A 215 -31.62 22.24 -9.99
C PHE A 215 -31.83 23.47 -9.11
N GLU A 216 -30.95 23.72 -8.14
CA GLU A 216 -31.07 24.86 -7.23
C GLU A 216 -32.41 24.87 -6.52
N ALA A 217 -32.86 23.69 -6.09
CA ALA A 217 -34.13 23.58 -5.38
C ALA A 217 -34.10 24.26 -4.02
N ARG A 218 -32.93 24.42 -3.41
CA ARG A 218 -32.83 25.09 -2.12
C ARG A 218 -33.13 26.57 -2.24
N VAL A 225 -23.41 25.45 7.74
CA VAL A 225 -24.50 25.31 6.78
C VAL A 225 -23.97 24.88 5.42
N VAL A 226 -23.41 25.85 4.68
CA VAL A 226 -22.85 25.54 3.37
C VAL A 226 -21.66 24.60 3.49
N GLU A 227 -20.79 24.86 4.46
CA GLU A 227 -19.63 23.99 4.66
C GLU A 227 -20.07 22.60 5.11
N LYS A 228 -21.07 22.51 5.99
CA LYS A 228 -21.55 21.21 6.43
C LYS A 228 -22.15 20.42 5.27
N ARG A 229 -22.93 21.09 4.42
CA ARG A 229 -23.52 20.42 3.26
C ARG A 229 -22.46 20.05 2.23
N LYS A 230 -21.41 20.86 2.12
CA LYS A 230 -20.31 20.53 1.21
C LYS A 230 -19.59 19.27 1.66
N LYS A 231 -19.34 19.13 2.96
CA LYS A 231 -18.69 17.93 3.47
C LYS A 231 -19.58 16.70 3.26
N ASN A 232 -20.89 16.85 3.46
CA ASN A 232 -21.79 15.73 3.23
C ASN A 232 -21.77 15.29 1.77
N LEU A 233 -21.78 16.24 0.84
CA LEU A 233 -21.73 15.90 -0.58
C LEU A 233 -20.37 15.33 -0.96
N GLU A 234 -19.30 16.07 -0.68
CA GLU A 234 -17.95 15.69 -1.09
C GLU A 234 -17.41 14.71 -0.06
N ARG A 235 -17.89 13.46 -0.16
CA ARG A 235 -17.43 12.38 0.70
C ARG A 235 -17.10 11.13 -0.10
N TYR A 236 -16.97 11.24 -1.42
CA TYR A 236 -16.64 10.10 -2.26
C TYR A 236 -15.15 9.81 -2.31
N LYS A 237 -14.32 10.61 -1.64
CA LYS A 237 -12.87 10.43 -1.71
C LYS A 237 -12.46 9.05 -1.19
N SER A 238 -13.14 8.57 -0.15
CA SER A 238 -12.79 7.28 0.43
C SER A 238 -12.82 6.17 -0.63
N VAL A 239 -13.91 6.09 -1.39
CA VAL A 239 -14.05 5.06 -2.42
C VAL A 239 -12.87 5.10 -3.38
N LEU A 240 -12.49 6.29 -3.84
CA LEU A 240 -11.40 6.44 -4.78
C LEU A 240 -10.02 6.26 -4.14
N ASP A 241 -9.93 6.22 -2.82
CA ASP A 241 -8.67 6.17 -2.10
C ASP A 241 -8.64 4.98 -1.15
N SER A 242 -9.06 3.81 -1.66
CA SER A 242 -9.07 2.59 -0.86
C SER A 242 -8.49 1.41 -1.65
N LYS A 243 -7.65 1.67 -2.66
CA LYS A 243 -7.07 0.59 -3.43
C LYS A 243 -6.04 -0.18 -2.60
N SER A 244 -5.19 0.53 -1.86
CA SER A 244 -4.13 -0.10 -1.09
C SER A 244 -4.64 -0.86 0.12
N ASP A 245 -5.91 -0.69 0.49
CA ASP A 245 -6.47 -1.35 1.66
C ASP A 245 -7.38 -2.52 1.35
N GLU A 246 -8.12 -2.47 0.23
CA GLU A 246 -8.94 -3.60 -0.15
C GLU A 246 -8.09 -4.79 -0.57
N GLU A 247 -6.86 -4.54 -1.05
CA GLU A 247 -5.96 -5.62 -1.41
C GLU A 247 -5.44 -6.34 -0.17
N ALA A 248 -4.87 -5.58 0.78
CA ALA A 248 -4.28 -6.16 1.97
C ALA A 248 -5.28 -7.02 2.74
N LEU A 249 -6.39 -6.41 3.17
CA LEU A 249 -7.41 -7.14 3.93
C LEU A 249 -7.85 -8.41 3.21
N ALA A 250 -7.89 -8.39 1.88
CA ALA A 250 -8.20 -9.60 1.13
C ALA A 250 -7.11 -10.65 1.30
N ASN A 251 -5.85 -10.23 1.14
CA ASN A 251 -4.73 -11.17 1.32
C ASN A 251 -4.70 -11.72 2.73
N TYR A 252 -4.88 -10.86 3.74
CA TYR A 252 -4.87 -11.29 5.13
C TYR A 252 -6.00 -12.25 5.48
N ALA A 253 -7.02 -12.34 4.63
CA ALA A 253 -8.22 -13.12 4.94
C ALA A 253 -8.26 -14.46 4.21
N GLU A 254 -7.11 -15.01 3.82
CA GLU A 254 -7.05 -16.33 3.23
C GLU A 254 -6.64 -17.41 4.24
N TRP A 255 -6.12 -17.03 5.39
CA TRP A 255 -5.74 -17.98 6.43
C TRP A 255 -6.82 -18.18 7.48
N GLU A 256 -7.94 -17.48 7.36
CA GLU A 256 -9.00 -17.60 8.35
C GLU A 256 -9.64 -19.00 8.29
N PRO A 257 -9.99 -19.58 9.43
CA PRO A 257 -10.76 -20.82 9.43
C PRO A 257 -12.23 -20.54 9.17
N PRO A 258 -13.05 -21.58 8.96
CA PRO A 258 -14.48 -21.34 8.77
C PRO A 258 -15.17 -20.90 10.06
N HIS A 259 -15.06 -19.61 10.38
CA HIS A 259 -15.58 -19.07 11.64
C HIS A 259 -17.09 -18.82 11.56
N GLY A 260 -17.83 -19.90 11.39
CA GLY A 260 -19.28 -19.82 11.40
C GLY A 260 -19.91 -19.81 10.02
N GLN A 261 -20.49 -18.67 9.63
CA GLN A 261 -21.17 -18.60 8.35
C GLN A 261 -20.19 -18.55 7.18
N PHE A 262 -19.07 -17.86 7.37
CA PHE A 262 -18.09 -17.77 6.30
C PHE A 262 -17.50 -19.14 5.97
N ARG A 263 -17.29 -19.39 4.69
CA ARG A 263 -16.84 -20.69 4.24
C ARG A 263 -15.33 -20.74 4.10
N PHE A 264 -14.81 -21.95 3.84
CA PHE A 264 -13.38 -22.13 3.69
C PHE A 264 -12.85 -21.46 2.43
N ARG A 265 -13.64 -21.49 1.35
CA ARG A 265 -13.19 -21.00 0.06
C ARG A 265 -14.00 -19.79 -0.38
N HIS A 266 -14.23 -18.85 0.54
CA HIS A 266 -14.96 -17.64 0.20
C HIS A 266 -14.20 -16.86 -0.87
N PRO A 267 -14.84 -16.49 -1.97
CA PRO A 267 -14.14 -15.86 -3.11
C PRO A 267 -13.88 -14.36 -2.91
N TRP A 268 -12.80 -14.05 -2.20
CA TRP A 268 -12.41 -12.66 -2.00
C TRP A 268 -11.93 -12.00 -3.28
N LYS A 269 -11.59 -12.78 -4.31
CA LYS A 269 -11.21 -12.19 -5.58
C LYS A 269 -12.37 -11.41 -6.20
N GLN A 270 -13.59 -11.96 -6.11
CA GLN A 270 -14.76 -11.24 -6.58
C GLN A 270 -14.99 -9.96 -5.78
N TYR A 271 -14.64 -9.96 -4.50
CA TYR A 271 -14.76 -8.74 -3.70
C TYR A 271 -13.90 -7.62 -4.28
N VAL A 272 -12.67 -7.93 -4.67
CA VAL A 272 -11.81 -6.92 -5.29
C VAL A 272 -12.39 -6.47 -6.62
N ALA A 273 -12.95 -7.41 -7.39
CA ALA A 273 -13.54 -7.06 -8.68
C ALA A 273 -14.72 -6.10 -8.50
N VAL A 274 -15.58 -6.37 -7.53
CA VAL A 274 -16.70 -5.46 -7.26
C VAL A 274 -16.18 -4.11 -6.77
N GLY A 275 -15.11 -4.12 -6.00
CA GLY A 275 -14.50 -2.87 -5.58
C GLY A 275 -14.02 -2.02 -6.76
N ALA A 276 -13.43 -2.68 -7.77
CA ALA A 276 -13.00 -1.96 -8.96
C ALA A 276 -14.20 -1.36 -9.69
N LEU A 277 -15.30 -2.10 -9.79
CA LEU A 277 -16.49 -1.59 -10.46
C LEU A 277 -17.07 -0.39 -9.73
N LEU A 278 -17.11 -0.45 -8.39
CA LEU A 278 -17.54 0.71 -7.62
C LEU A 278 -16.61 1.90 -7.82
N ARG A 279 -15.31 1.62 -7.96
CA ARG A 279 -14.35 2.68 -8.25
C ARG A 279 -14.64 3.34 -9.60
N GLN A 280 -15.10 2.55 -10.58
CA GLN A 280 -15.41 3.11 -11.89
C GLN A 280 -16.63 4.03 -11.82
N CYS A 281 -17.63 3.65 -11.03
CA CYS A 281 -18.76 4.56 -10.80
C CYS A 281 -18.29 5.85 -10.13
N ALA A 282 -17.37 5.75 -9.17
CA ALA A 282 -16.85 6.93 -8.50
C ALA A 282 -15.93 7.74 -9.40
N TYR A 283 -15.28 7.09 -10.37
CA TYR A 283 -14.52 7.80 -11.39
C TYR A 283 -15.34 8.93 -12.01
N ARG A 284 -16.49 8.58 -12.59
CA ARG A 284 -17.33 9.57 -13.26
C ARG A 284 -18.02 10.51 -12.27
N ILE A 285 -18.28 10.04 -11.05
CA ILE A 285 -18.94 10.88 -10.06
C ILE A 285 -18.10 12.11 -9.75
N ASP A 286 -16.79 11.94 -9.63
CA ASP A 286 -15.91 13.08 -9.35
C ASP A 286 -15.98 14.10 -10.49
N ALA A 287 -16.02 13.63 -11.74
CA ALA A 287 -16.18 14.54 -12.87
C ALA A 287 -17.46 15.36 -12.75
N LEU A 288 -18.56 14.70 -12.40
CA LEU A 288 -19.85 15.38 -12.28
C LEU A 288 -19.82 16.42 -11.17
N ASN A 289 -19.18 16.09 -10.04
CA ASN A 289 -19.13 16.99 -8.90
C ASN A 289 -18.37 18.27 -9.23
N SER A 290 -17.28 18.17 -10.00
CA SER A 290 -16.54 19.36 -10.38
C SER A 290 -17.38 20.35 -11.19
N TYR A 291 -18.32 19.85 -12.01
CA TYR A 291 -19.22 20.75 -12.70
C TYR A 291 -20.06 21.57 -11.73
N ILE A 292 -20.56 20.94 -10.66
CA ILE A 292 -21.40 21.66 -9.72
C ILE A 292 -20.58 22.70 -8.96
N ASN A 293 -19.42 22.30 -8.46
CA ASN A 293 -18.60 23.19 -7.63
C ASN A 293 -18.24 24.47 -8.38
N SER A 294 -17.93 24.34 -9.67
CA SER A 294 -17.49 25.48 -10.48
C SER A 294 -18.42 26.68 -10.35
N ASP A 295 -17.84 27.87 -10.33
CA ASP A 295 -18.64 29.07 -10.16
C ASP A 295 -19.50 29.35 -11.36
N PHE A 296 -18.97 29.13 -12.56
CA PHE A 296 -19.72 29.37 -13.78
C PHE A 296 -21.00 28.53 -13.79
N GLN A 297 -22.08 29.14 -14.27
CA GLN A 297 -23.40 28.50 -14.25
C GLN A 297 -24.19 28.87 -15.50
N ILE A 298 -25.21 28.07 -15.78
CA ILE A 298 -26.13 28.29 -16.89
C ILE A 298 -27.47 28.71 -16.29
N PRO A 299 -28.21 29.62 -16.94
CA PRO A 299 -29.45 30.12 -16.33
C PRO A 299 -30.41 29.00 -15.97
N VAL A 300 -31.02 29.14 -14.79
CA VAL A 300 -31.87 28.09 -14.23
C VAL A 300 -33.11 27.84 -15.08
N ASP A 301 -33.55 28.86 -15.83
CA ASP A 301 -34.78 28.73 -16.62
C ASP A 301 -34.76 27.49 -17.52
N ILE A 302 -33.67 27.28 -18.27
CA ILE A 302 -33.58 26.12 -19.17
C ILE A 302 -33.72 24.81 -18.41
N LYS A 303 -33.24 24.77 -17.16
CA LYS A 303 -33.22 23.54 -16.38
C LYS A 303 -34.57 22.83 -16.36
N LYS A 304 -35.66 23.58 -16.21
CA LYS A 304 -36.98 22.95 -16.16
C LYS A 304 -37.34 22.23 -17.45
N LYS A 305 -36.84 22.71 -18.59
CA LYS A 305 -37.23 22.10 -19.88
C LYS A 305 -37.01 20.59 -19.88
N LEU A 306 -35.85 20.14 -19.38
CA LEU A 306 -35.53 18.72 -19.34
C LEU A 306 -35.46 18.19 -17.90
N GLU A 307 -36.18 18.82 -16.98
CA GLU A 307 -36.12 18.42 -15.57
C GLU A 307 -36.61 16.99 -15.38
N THR A 308 -37.78 16.66 -15.93
CA THR A 308 -38.39 15.35 -15.70
C THR A 308 -37.47 14.17 -16.00
N PRO A 309 -36.81 14.08 -17.17
CA PRO A 309 -35.96 12.89 -17.41
C PRO A 309 -34.79 12.77 -16.45
N LEU A 310 -34.05 13.86 -16.23
CA LEU A 310 -32.87 13.81 -15.37
C LEU A 310 -33.23 13.35 -13.96
N ARG A 311 -34.30 13.90 -13.40
CA ARG A 311 -34.71 13.56 -12.04
C ARG A 311 -34.88 12.05 -11.88
N ARG A 312 -35.74 11.45 -12.71
CA ARG A 312 -35.99 10.01 -12.64
C ARG A 312 -34.70 9.20 -12.55
N MET A 313 -33.70 9.55 -13.34
CA MET A 313 -32.44 8.81 -13.33
C MET A 313 -31.81 8.81 -11.94
N SER A 314 -31.66 9.99 -11.34
CA SER A 314 -31.01 10.09 -10.04
C SER A 314 -31.74 9.28 -8.98
N SER A 315 -33.06 9.42 -8.91
CA SER A 315 -33.83 8.74 -7.87
C SER A 315 -33.68 7.22 -7.95
N GLU A 316 -33.97 6.64 -9.12
CA GLU A 316 -33.93 5.19 -9.26
C GLU A 316 -32.52 4.65 -9.07
N SER A 317 -31.50 5.36 -9.57
CA SER A 317 -30.12 4.92 -9.39
C SER A 317 -29.78 4.77 -7.92
N GLY A 318 -30.09 5.79 -7.12
CA GLY A 318 -29.75 5.74 -5.70
C GLY A 318 -30.39 4.57 -4.97
N ASN A 319 -31.70 4.37 -5.18
CA ASN A 319 -32.41 3.29 -4.51
C ASN A 319 -31.79 1.93 -4.83
N SER A 320 -31.31 1.74 -6.05
CA SER A 320 -30.69 0.47 -6.41
C SER A 320 -29.45 0.20 -5.58
N MET A 321 -28.55 1.18 -5.49
CA MET A 321 -27.35 1.03 -4.67
C MET A 321 -27.71 0.72 -3.22
N LYS A 322 -28.57 1.54 -2.62
CA LYS A 322 -28.93 1.37 -1.21
C LYS A 322 -29.49 -0.03 -0.95
N GLU A 323 -30.42 -0.48 -1.79
CA GLU A 323 -31.00 -1.82 -1.63
C GLU A 323 -29.93 -2.89 -1.62
N MET A 324 -28.90 -2.73 -2.46
CA MET A 324 -27.85 -3.75 -2.54
C MET A 324 -27.02 -3.79 -1.27
N SER A 325 -26.59 -2.62 -0.78
CA SER A 325 -25.85 -2.57 0.47
C SER A 325 -26.63 -3.24 1.61
N ILE A 326 -27.96 -3.07 1.61
CA ILE A 326 -28.78 -3.71 2.63
C ILE A 326 -28.68 -5.23 2.53
N SER A 327 -28.82 -5.76 1.32
CA SER A 327 -28.75 -7.21 1.13
C SER A 327 -27.35 -7.72 1.42
N LEU A 328 -26.33 -7.10 0.82
CA LEU A 328 -24.96 -7.53 1.02
C LEU A 328 -24.56 -7.53 2.50
N LYS A 329 -25.15 -6.63 3.29
CA LYS A 329 -24.80 -6.54 4.71
C LYS A 329 -25.39 -7.71 5.48
N GLN A 330 -26.72 -7.84 5.48
CA GLN A 330 -27.39 -8.96 6.13
C GLN A 330 -27.02 -10.32 5.52
N MET A 331 -26.17 -10.31 4.50
CA MET A 331 -25.65 -11.53 3.87
C MET A 331 -26.78 -12.43 3.38
N ILE A 332 -27.77 -11.84 2.72
CA ILE A 332 -28.87 -12.56 2.12
C ILE A 332 -29.05 -12.05 0.70
N LYS A 333 -29.18 -12.97 -0.25
CA LYS A 333 -29.34 -12.59 -1.65
C LYS A 333 -30.74 -12.02 -1.90
N SER A 334 -30.82 -11.14 -2.89
CA SER A 334 -32.08 -10.51 -3.25
C SER A 334 -31.98 -10.01 -4.68
N SER A 335 -33.15 -9.70 -5.27
CA SER A 335 -33.22 -9.20 -6.63
C SER A 335 -34.11 -7.98 -6.72
N SER A 336 -34.18 -7.19 -5.64
CA SER A 336 -35.02 -6.00 -5.64
C SER A 336 -34.48 -4.93 -6.59
N SER A 337 -33.16 -4.90 -6.80
CA SER A 337 -32.55 -3.90 -7.66
C SER A 337 -32.94 -4.07 -9.13
N ASP A 338 -33.46 -5.24 -9.50
CA ASP A 338 -33.82 -5.49 -10.89
C ASP A 338 -34.90 -4.53 -11.38
N ILE A 339 -35.94 -4.32 -10.55
CA ILE A 339 -37.01 -3.42 -10.95
C ILE A 339 -36.52 -1.97 -11.04
N HIS A 340 -35.59 -1.58 -10.17
CA HIS A 340 -35.10 -0.20 -10.18
C HIS A 340 -34.27 0.08 -11.42
N VAL A 341 -33.36 -0.82 -11.78
CA VAL A 341 -32.55 -0.60 -12.98
C VAL A 341 -33.40 -0.70 -14.23
N SER A 342 -34.42 -1.55 -14.23
CA SER A 342 -35.33 -1.64 -15.38
C SER A 342 -36.05 -0.32 -15.61
N ASN A 343 -36.50 0.33 -14.53
CA ASN A 343 -37.14 1.63 -14.67
C ASN A 343 -36.16 2.68 -15.19
N SER A 344 -34.90 2.61 -14.76
CA SER A 344 -33.90 3.54 -15.25
C SER A 344 -33.69 3.37 -16.75
N GLN A 345 -33.67 2.13 -17.23
CA GLN A 345 -33.57 1.90 -18.67
C GLN A 345 -34.78 2.45 -19.40
N ALA A 346 -35.97 2.30 -18.80
CA ALA A 346 -37.17 2.91 -19.37
C ALA A 346 -37.05 4.42 -19.40
N ALA A 347 -36.44 5.01 -18.36
CA ALA A 347 -36.28 6.46 -18.32
C ALA A 347 -35.38 6.97 -19.45
N CYS A 348 -34.31 6.24 -19.75
CA CYS A 348 -33.42 6.65 -20.82
C CYS A 348 -34.11 6.59 -22.18
N LYS A 349 -34.93 5.56 -22.40
CA LYS A 349 -35.71 5.48 -23.64
C LYS A 349 -36.70 6.63 -23.75
N SER A 350 -37.35 7.01 -22.65
CA SER A 350 -38.27 8.14 -22.69
C SER A 350 -37.53 9.44 -23.02
N LEU A 351 -36.33 9.62 -22.45
CA LEU A 351 -35.53 10.79 -22.77
C LEU A 351 -35.16 10.82 -24.25
N SER A 352 -34.80 9.67 -24.81
CA SER A 352 -34.48 9.60 -26.23
C SER A 352 -35.69 9.99 -27.09
N THR A 353 -36.87 9.48 -26.72
CA THR A 353 -38.09 9.84 -27.46
C THR A 353 -38.37 11.32 -27.35
N LEU A 354 -38.13 11.91 -26.18
CA LEU A 354 -38.26 13.35 -26.02
C LEU A 354 -37.26 14.10 -26.90
N LEU A 355 -36.06 13.53 -27.07
CA LEU A 355 -35.04 14.17 -27.89
C LEU A 355 -35.40 14.15 -29.38
N LYS A 356 -36.26 13.23 -29.81
CA LYS A 356 -36.76 13.25 -31.18
C LYS A 356 -37.42 14.58 -31.51
N SER A 357 -38.19 15.12 -30.56
CA SER A 357 -38.92 16.37 -30.82
C SER A 357 -37.99 17.57 -30.99
N GLY A 358 -36.76 17.48 -30.53
CA GLY A 358 -35.84 18.59 -30.66
C GLY A 358 -36.26 19.83 -29.92
N ILE A 359 -36.76 19.68 -28.70
CA ILE A 359 -37.22 20.83 -27.91
C ILE A 359 -36.05 21.76 -27.59
N LEU A 360 -34.84 21.21 -27.47
CA LEU A 360 -33.66 21.97 -27.07
C LEU A 360 -33.16 22.95 -28.13
N ASN A 361 -33.88 23.19 -29.23
CA ASN A 361 -33.43 24.13 -30.23
C ASN A 361 -33.62 25.57 -29.73
N ASP A 362 -33.09 26.51 -30.50
CA ASP A 362 -33.19 27.94 -30.21
C ASP A 362 -32.61 28.29 -28.84
N VAL A 363 -31.45 27.70 -28.53
CA VAL A 363 -30.73 27.99 -27.29
C VAL A 363 -29.30 28.40 -27.66
N GLU A 364 -28.66 29.06 -26.70
CA GLU A 364 -27.28 29.50 -26.90
C GLU A 364 -26.34 28.30 -26.91
N PRO A 365 -25.54 28.11 -27.96
CA PRO A 365 -24.64 26.95 -27.99
C PRO A 365 -23.61 26.94 -26.87
N LEU A 366 -23.18 28.11 -26.40
CA LEU A 366 -22.15 28.15 -25.37
C LEU A 366 -22.65 27.56 -24.06
N GLN A 367 -23.88 27.89 -23.66
CA GLN A 367 -24.45 27.31 -22.45
C GLN A 367 -24.94 25.89 -22.68
N MET A 368 -25.11 25.49 -23.94
CA MET A 368 -25.58 24.14 -24.24
C MET A 368 -24.53 23.09 -23.89
N ILE A 369 -23.25 23.45 -24.04
CA ILE A 369 -22.16 22.50 -23.80
C ILE A 369 -22.22 21.96 -22.37
N SER A 370 -22.46 22.83 -21.41
CA SER A 370 -22.51 22.41 -20.01
C SER A 370 -23.70 21.50 -19.75
N LEU A 371 -24.89 21.91 -20.18
CA LEU A 371 -26.08 21.08 -19.99
C LEU A 371 -25.93 19.72 -20.65
N MET A 372 -25.31 19.68 -21.83
CA MET A 372 -25.16 18.41 -22.56
C MET A 372 -24.23 17.44 -21.82
N THR A 373 -23.12 17.96 -21.27
CA THR A 373 -22.17 17.08 -20.59
C THR A 373 -22.82 16.38 -19.40
N THR A 374 -23.69 17.08 -18.66
CA THR A 374 -24.38 16.47 -17.54
C THR A 374 -25.19 15.26 -17.98
N VAL A 375 -25.94 15.41 -19.08
CA VAL A 375 -26.74 14.31 -19.60
C VAL A 375 -25.86 13.11 -19.93
N SER A 376 -24.65 13.37 -20.45
CA SER A 376 -23.75 12.28 -20.81
C SER A 376 -23.36 11.46 -19.60
N MET A 377 -22.92 12.12 -18.52
CA MET A 377 -22.47 11.41 -17.32
C MET A 377 -23.57 10.51 -16.76
N LEU A 378 -24.81 11.01 -16.70
CA LEU A 378 -25.90 10.24 -16.11
C LEU A 378 -26.16 8.95 -16.88
N ILE A 379 -26.07 8.99 -18.21
CA ILE A 379 -26.36 7.80 -19.01
C ILE A 379 -25.35 6.70 -18.71
N ASP A 380 -24.06 7.04 -18.56
CA ASP A 380 -23.06 6.03 -18.26
C ASP A 380 -23.33 5.37 -16.91
N ILE A 381 -23.69 6.16 -15.90
CA ILE A 381 -23.92 5.62 -14.56
C ILE A 381 -25.09 4.64 -14.58
N VAL A 382 -26.08 4.86 -15.45
CA VAL A 382 -27.16 3.89 -15.60
C VAL A 382 -26.65 2.60 -16.19
N ASN A 383 -25.79 2.69 -17.22
CA ASN A 383 -25.19 1.48 -17.80
C ASN A 383 -24.22 0.83 -16.82
N LEU A 384 -23.38 1.63 -16.16
CA LEU A 384 -22.39 1.08 -15.24
C LEU A 384 -23.06 0.36 -14.08
N THR A 385 -24.14 0.92 -13.55
CA THR A 385 -24.88 0.26 -12.47
C THR A 385 -25.39 -1.10 -12.91
N GLU A 386 -25.84 -1.21 -14.16
CA GLU A 386 -26.36 -2.47 -14.67
C GLU A 386 -25.28 -3.56 -14.60
N LYS A 387 -24.06 -3.23 -15.02
CA LYS A 387 -22.97 -4.20 -14.98
C LYS A 387 -22.69 -4.64 -13.55
N ILE A 388 -22.59 -3.68 -12.63
CA ILE A 388 -22.35 -3.99 -11.22
C ILE A 388 -23.42 -4.92 -10.68
N SER A 389 -24.66 -4.80 -11.18
CA SER A 389 -25.74 -5.66 -10.73
C SER A 389 -25.47 -7.12 -11.06
N GLU A 390 -24.88 -7.37 -12.23
CA GLU A 390 -24.55 -8.75 -12.61
C GLU A 390 -23.47 -9.33 -11.71
N SER A 391 -22.43 -8.55 -11.42
CA SER A 391 -21.34 -9.03 -10.58
C SER A 391 -21.82 -9.37 -9.18
N VAL A 392 -22.62 -8.49 -8.57
CA VAL A 392 -23.15 -8.75 -7.24
C VAL A 392 -24.07 -9.96 -7.27
N HIS A 393 -24.85 -10.11 -8.33
CA HIS A 393 -25.78 -11.23 -8.46
C HIS A 393 -25.07 -12.58 -8.56
N GLU A 394 -23.74 -12.59 -8.63
CA GLU A 394 -22.96 -13.82 -8.68
C GLU A 394 -22.03 -13.98 -7.48
N LEU A 395 -21.53 -12.89 -6.91
CA LEU A 395 -20.76 -12.98 -5.67
C LEU A 395 -21.59 -13.58 -4.55
N ALA A 396 -22.91 -13.47 -4.61
CA ALA A 396 -23.80 -14.06 -3.62
C ALA A 396 -24.27 -15.45 -4.02
N SER A 397 -23.72 -16.01 -5.09
CA SER A 397 -24.05 -17.35 -5.55
C SER A 397 -22.87 -18.31 -5.44
N ALA A 398 -21.69 -17.88 -5.89
CA ALA A 398 -20.48 -18.69 -5.69
C ALA A 398 -20.25 -18.97 -4.21
N ALA A 399 -20.48 -17.97 -3.37
CA ALA A 399 -20.45 -18.16 -1.93
C ALA A 399 -21.86 -18.42 -1.42
N ARG A 400 -21.95 -19.14 -0.29
CA ARG A 400 -23.24 -19.56 0.24
C ARG A 400 -23.84 -18.42 1.06
N PHE A 401 -24.89 -17.80 0.52
CA PHE A 401 -25.52 -16.65 1.15
C PHE A 401 -26.89 -16.97 1.74
N LYS A 402 -27.14 -18.23 2.05
CA LYS A 402 -28.39 -18.63 2.70
C LYS A 402 -28.49 -18.06 4.10
N MET B 1 8.57 -31.15 -13.91
CA MET B 1 9.35 -30.66 -15.04
C MET B 1 8.79 -29.34 -15.56
N GLU B 2 7.48 -29.34 -15.87
CA GLU B 2 6.84 -28.13 -16.37
C GLU B 2 6.86 -27.02 -15.33
N LYS B 3 6.65 -27.38 -14.06
CA LYS B 3 6.74 -26.39 -12.99
C LYS B 3 8.16 -25.84 -12.88
N VAL B 4 9.17 -26.70 -13.05
CA VAL B 4 10.55 -26.25 -13.00
C VAL B 4 10.84 -25.26 -14.12
N ARG B 5 10.34 -25.54 -15.33
CA ARG B 5 10.55 -24.63 -16.45
C ARG B 5 9.89 -23.29 -16.20
N GLU B 6 8.68 -23.29 -15.63
CA GLU B 6 8.00 -22.04 -15.33
C GLU B 6 8.76 -21.22 -14.30
N ILE B 7 9.32 -21.89 -13.28
CA ILE B 7 10.12 -21.20 -12.28
C ILE B 7 11.35 -20.58 -12.93
N VAL B 8 12.03 -21.34 -13.79
CA VAL B 8 13.22 -20.83 -14.46
C VAL B 8 12.89 -19.62 -15.33
N ARG B 9 11.80 -19.71 -16.10
CA ARG B 9 11.43 -18.63 -17.02
C ARG B 9 11.21 -17.32 -16.28
N GLU B 10 10.56 -17.36 -15.12
CA GLU B 10 10.41 -16.17 -14.29
C GLU B 10 11.76 -15.57 -13.92
N GLY B 11 12.81 -16.39 -13.85
CA GLY B 11 14.13 -15.88 -13.49
C GLY B 11 14.63 -14.83 -14.46
N ILE B 12 14.58 -15.12 -15.76
CA ILE B 12 15.05 -14.16 -16.75
C ILE B 12 14.13 -12.94 -16.79
N ARG B 13 12.83 -13.16 -16.62
CA ARG B 13 11.88 -12.05 -16.64
C ARG B 13 12.19 -11.05 -15.52
N VAL B 14 12.43 -11.56 -14.32
CA VAL B 14 12.77 -10.67 -13.20
C VAL B 14 14.16 -10.09 -13.38
N GLY B 15 15.12 -10.92 -13.81
CA GLY B 15 16.48 -10.43 -13.95
C GLY B 15 16.62 -9.35 -15.00
N ASN B 16 16.00 -9.55 -16.17
CA ASN B 16 16.10 -8.57 -17.24
C ASN B 16 15.21 -7.36 -17.01
N GLU B 17 14.25 -7.45 -16.09
CA GLU B 17 13.41 -6.29 -15.78
C GLU B 17 14.23 -5.18 -15.14
N ASP B 18 15.17 -5.55 -14.27
CA ASP B 18 16.04 -4.58 -13.61
C ASP B 18 17.37 -5.24 -13.30
N PRO B 19 18.48 -4.75 -13.88
CA PRO B 19 19.79 -5.36 -13.61
C PRO B 19 20.25 -5.22 -12.17
N ARG B 20 19.63 -4.35 -11.37
CA ARG B 20 20.06 -4.12 -10.00
C ARG B 20 19.46 -5.11 -9.01
N ARG B 21 18.55 -5.98 -9.46
CA ARG B 21 17.98 -7.00 -8.60
C ARG B 21 18.83 -8.27 -8.52
N ILE B 22 19.89 -8.37 -9.32
CA ILE B 22 20.77 -9.53 -9.28
C ILE B 22 22.11 -9.22 -8.65
N ILE B 23 22.44 -7.94 -8.41
CA ILE B 23 23.69 -7.58 -7.75
C ILE B 23 23.47 -7.33 -6.26
N HIS B 24 22.22 -7.25 -5.82
CA HIS B 24 21.91 -7.02 -4.42
C HIS B 24 22.07 -8.28 -3.58
N ALA B 25 21.98 -9.46 -4.20
CA ALA B 25 22.19 -10.70 -3.47
C ALA B 25 23.64 -10.82 -3.03
N PHE B 26 24.58 -10.50 -3.92
CA PHE B 26 26.00 -10.54 -3.57
C PHE B 26 26.30 -9.60 -2.40
N LYS B 27 25.61 -8.46 -2.34
CA LYS B 27 25.82 -7.52 -1.25
C LYS B 27 25.39 -8.10 0.08
N VAL B 28 24.21 -8.73 0.13
CA VAL B 28 23.76 -9.40 1.34
C VAL B 28 24.77 -10.46 1.76
N GLY B 29 25.35 -11.17 0.79
CA GLY B 29 26.31 -12.21 1.12
C GLY B 29 27.59 -11.64 1.72
N LEU B 30 28.14 -10.61 1.10
CA LEU B 30 29.36 -9.98 1.62
C LEU B 30 29.15 -9.47 3.04
N ALA B 31 27.94 -8.98 3.33
CA ALA B 31 27.62 -8.55 4.69
C ALA B 31 27.79 -9.70 5.67
N LEU B 32 27.01 -10.77 5.52
CA LEU B 32 27.02 -11.90 6.44
C LEU B 32 28.38 -12.59 6.54
N VAL B 33 29.34 -12.23 5.69
CA VAL B 33 30.69 -12.79 5.77
C VAL B 33 31.64 -11.85 6.50
N LEU B 34 31.58 -10.56 6.20
CA LEU B 34 32.47 -9.59 6.85
C LEU B 34 32.24 -9.57 8.36
N VAL B 35 30.96 -9.51 8.78
CA VAL B 35 30.65 -9.50 10.20
C VAL B 35 31.13 -10.77 10.88
N SER B 36 30.93 -11.92 10.23
CA SER B 36 31.32 -13.21 10.79
C SER B 36 32.82 -13.48 10.67
N SER B 37 33.58 -12.57 10.06
CA SER B 37 35.03 -12.68 10.01
C SER B 37 35.72 -11.89 11.10
N PHE B 38 35.10 -10.80 11.56
CA PHE B 38 35.68 -10.01 12.64
C PHE B 38 35.81 -10.85 13.91
N TYR B 39 34.72 -11.48 14.33
CA TYR B 39 34.73 -12.25 15.58
C TYR B 39 35.79 -13.33 15.55
N TYR B 40 35.80 -14.16 14.50
CA TYR B 40 36.72 -15.30 14.45
C TYR B 40 38.16 -14.86 14.59
N TYR B 41 38.57 -13.81 13.89
CA TYR B 41 39.93 -13.29 13.99
C TYR B 41 40.10 -12.26 15.10
N GLN B 42 39.09 -12.10 15.97
CA GLN B 42 39.01 -11.22 17.14
C GLN B 42 40.05 -10.11 17.18
N PRO B 43 39.94 -9.09 16.34
CA PRO B 43 40.94 -8.01 16.34
C PRO B 43 40.64 -7.01 17.44
N PHE B 44 41.45 -5.95 17.47
CA PHE B 44 41.29 -4.87 18.46
C PHE B 44 41.28 -5.47 19.86
N GLY B 45 42.16 -6.44 20.08
CA GLY B 45 42.27 -7.08 21.38
C GLY B 45 41.23 -8.14 21.59
N PRO B 46 41.24 -8.78 22.75
CA PRO B 46 40.26 -9.85 23.02
C PRO B 46 38.95 -9.29 23.55
N PHE B 47 37.99 -10.17 23.83
CA PHE B 47 36.67 -9.75 24.30
C PHE B 47 36.23 -10.71 25.40
N THR B 48 34.95 -10.67 25.74
CA THR B 48 34.41 -11.43 26.85
C THR B 48 33.54 -12.60 26.39
N ASP B 49 32.49 -12.31 25.63
CA ASP B 49 31.54 -13.33 25.15
C ASP B 49 31.11 -14.24 26.30
N TYR B 50 30.70 -13.61 27.41
CA TYR B 50 30.35 -14.35 28.61
C TYR B 50 29.26 -15.37 28.35
N PHE B 51 28.20 -14.95 27.67
CA PHE B 51 27.05 -15.83 27.44
C PHE B 51 27.14 -16.60 26.13
N GLY B 52 28.18 -16.36 25.34
CA GLY B 52 28.41 -17.09 24.10
C GLY B 52 27.28 -16.94 23.09
N ILE B 53 26.83 -15.71 22.86
CA ILE B 53 25.74 -15.46 21.93
C ILE B 53 26.04 -14.22 21.11
N ASN B 54 27.29 -13.74 21.16
CA ASN B 54 27.66 -12.56 20.38
C ASN B 54 27.58 -12.84 18.89
N ALA B 55 28.06 -14.01 18.45
CA ALA B 55 28.01 -14.35 17.03
C ALA B 55 26.58 -14.45 16.53
N MET B 56 25.71 -15.09 17.32
CA MET B 56 24.32 -15.24 16.90
C MET B 56 23.63 -13.89 16.77
N TRP B 57 23.82 -13.01 17.75
CA TRP B 57 23.16 -11.70 17.70
C TRP B 57 23.70 -10.84 16.57
N ALA B 58 25.02 -10.85 16.34
CA ALA B 58 25.58 -10.07 15.25
C ALA B 58 25.09 -10.55 13.89
N VAL B 59 25.03 -11.87 13.70
CA VAL B 59 24.52 -12.42 12.44
C VAL B 59 23.05 -12.08 12.26
N MET B 60 22.26 -12.20 13.33
CA MET B 60 20.81 -12.01 13.23
C MET B 60 20.47 -10.58 12.81
N THR B 61 21.11 -9.59 13.43
CA THR B 61 20.77 -8.20 13.14
C THR B 61 21.17 -7.77 11.73
N VAL B 62 22.13 -8.47 11.10
CA VAL B 62 22.54 -8.10 9.75
C VAL B 62 21.55 -8.56 8.70
N VAL B 63 20.76 -9.59 8.99
CA VAL B 63 19.80 -10.09 8.00
C VAL B 63 18.49 -9.31 8.05
N VAL B 64 18.14 -8.73 9.20
CA VAL B 64 16.86 -8.05 9.37
C VAL B 64 16.95 -6.54 9.14
N VAL B 65 18.15 -5.96 9.09
CA VAL B 65 18.26 -4.53 8.87
C VAL B 65 18.90 -4.21 7.52
N PHE B 66 18.89 -5.15 6.58
CA PHE B 66 19.41 -4.92 5.23
C PHE B 66 18.25 -5.00 4.24
N GLU B 67 17.87 -3.85 3.66
CA GLU B 67 16.77 -3.82 2.71
C GLU B 67 17.25 -3.28 1.36
N PHE B 68 16.39 -3.46 0.35
CA PHE B 68 16.74 -3.13 -1.03
C PHE B 68 17.22 -1.70 -1.21
N SER B 69 16.65 -0.75 -0.47
CA SER B 69 16.99 0.64 -0.72
C SER B 69 18.21 1.06 0.10
N VAL B 70 18.39 2.37 0.28
CA VAL B 70 19.44 2.95 1.08
C VAL B 70 18.78 3.98 2.00
N GLY B 71 17.45 4.01 1.97
CA GLY B 71 16.67 4.89 2.81
C GLY B 71 15.84 4.05 3.75
N ALA B 72 15.93 2.75 3.56
CA ALA B 72 15.28 1.77 4.44
C ALA B 72 16.28 0.96 5.23
N THR B 73 17.56 1.35 5.22
CA THR B 73 18.58 0.74 6.05
C THR B 73 18.99 1.65 7.20
N LEU B 74 19.24 2.93 6.91
CA LEU B 74 19.52 3.89 7.98
C LEU B 74 18.36 3.95 8.96
N GLY B 75 17.14 4.07 8.44
CA GLY B 75 15.97 4.21 9.27
C GLY B 75 15.81 2.99 10.15
N LYS B 76 15.76 1.80 9.55
CA LYS B 76 15.61 0.59 10.34
C LYS B 76 16.76 0.47 11.33
N GLY B 77 17.97 0.82 10.90
CA GLY B 77 19.13 0.74 11.77
C GLY B 77 19.01 1.66 12.98
N LEU B 78 18.72 2.93 12.73
CA LEU B 78 18.55 3.91 13.80
C LEU B 78 17.48 3.47 14.79
N ASN B 79 16.36 2.96 14.30
CA ASN B 79 15.32 2.47 15.22
C ASN B 79 15.86 1.33 16.08
N ARG B 80 16.39 0.28 15.44
CA ARG B 80 16.90 -0.87 16.19
C ARG B 80 17.97 -0.45 17.19
N GLY B 81 18.67 0.65 16.92
CA GLY B 81 19.72 1.14 17.79
C GLY B 81 19.16 1.82 19.02
N VAL B 82 18.52 2.98 18.81
CA VAL B 82 18.02 3.79 19.92
C VAL B 82 17.15 2.94 20.85
N ALA B 83 16.10 2.34 20.29
CA ALA B 83 15.15 1.53 21.07
C ALA B 83 15.84 0.67 22.11
N THR B 84 16.86 -0.09 21.69
CA THR B 84 17.54 -1.00 22.60
C THR B 84 18.17 -0.25 23.78
N LEU B 85 18.94 0.80 23.49
CA LEU B 85 19.54 1.63 24.52
C LEU B 85 18.50 2.05 25.55
N VAL B 86 17.44 2.73 25.09
CA VAL B 86 16.41 3.22 26.00
C VAL B 86 15.80 2.07 26.78
N ALA B 87 15.41 1.01 26.07
CA ALA B 87 14.75 -0.12 26.72
C ALA B 87 15.67 -0.78 27.75
N GLY B 88 16.95 -0.92 27.41
CA GLY B 88 17.91 -1.50 28.32
C GLY B 88 18.04 -0.71 29.60
N GLY B 89 18.34 0.58 29.48
CA GLY B 89 18.38 1.49 30.60
C GLY B 89 17.21 1.31 31.56
N LEU B 90 15.98 1.43 31.04
CA LEU B 90 14.80 1.23 31.86
C LEU B 90 14.76 -0.17 32.46
N GLY B 91 15.36 -1.15 31.80
CA GLY B 91 15.37 -2.51 32.29
C GLY B 91 16.28 -2.72 33.47
N ILE B 92 17.58 -2.44 33.29
CA ILE B 92 18.56 -2.62 34.37
C ILE B 92 18.10 -1.90 35.63
N GLY B 93 17.52 -0.70 35.47
CA GLY B 93 17.00 0.02 36.62
C GLY B 93 15.88 -0.74 37.31
N ALA B 94 14.89 -1.21 36.55
CA ALA B 94 13.77 -1.95 37.12
C ALA B 94 14.24 -3.09 38.00
N HIS B 95 15.28 -3.81 37.58
CA HIS B 95 15.78 -4.93 38.38
C HIS B 95 16.26 -4.47 39.75
N GLN B 96 16.83 -3.27 39.84
CA GLN B 96 17.24 -2.74 41.14
C GLN B 96 16.05 -2.60 42.08
N LEU B 97 14.95 -2.05 41.57
CA LEU B 97 13.75 -1.85 42.39
C LEU B 97 13.27 -3.16 43.01
N ALA B 98 13.13 -4.19 42.17
CA ALA B 98 12.60 -5.46 42.65
C ALA B 98 13.47 -6.09 43.73
N ARG B 99 14.79 -5.86 43.68
CA ARG B 99 15.68 -6.37 44.72
C ARG B 99 15.32 -5.79 46.08
N LEU B 100 15.14 -4.46 46.15
CA LEU B 100 14.77 -3.83 47.40
C LEU B 100 13.47 -4.40 47.97
N SER B 101 12.52 -4.74 47.09
CA SER B 101 11.24 -5.25 47.56
C SER B 101 11.40 -6.54 48.36
N GLY B 102 12.30 -7.40 47.95
CA GLY B 102 12.60 -8.60 48.70
C GLY B 102 13.02 -9.73 47.75
N ALA B 103 12.64 -10.95 48.11
CA ALA B 103 13.03 -12.14 47.36
C ALA B 103 11.87 -13.00 46.90
N THR B 104 10.64 -12.70 47.32
CA THR B 104 9.46 -13.46 46.91
C THR B 104 8.57 -12.66 45.96
N VAL B 105 8.26 -11.41 46.29
CA VAL B 105 7.45 -10.58 45.42
C VAL B 105 8.22 -10.19 44.16
N GLU B 106 9.55 -10.06 44.27
CA GLU B 106 10.46 -9.61 43.21
C GLU B 106 10.12 -10.14 41.82
N PRO B 107 9.76 -11.43 41.64
CA PRO B 107 9.39 -11.89 40.30
C PRO B 107 8.00 -11.41 39.91
N ILE B 108 7.08 -11.39 40.87
CA ILE B 108 5.71 -10.93 40.60
C ILE B 108 5.71 -9.46 40.20
N LEU B 109 6.49 -8.64 40.90
CA LEU B 109 6.56 -7.21 40.57
C LEU B 109 7.12 -6.99 39.17
N LEU B 110 8.16 -7.75 38.80
CA LEU B 110 8.75 -7.59 37.48
C LEU B 110 7.74 -7.89 36.37
N VAL B 111 6.92 -8.92 36.56
CA VAL B 111 5.91 -9.28 35.57
C VAL B 111 4.92 -8.14 35.39
N MET B 112 4.50 -7.52 36.50
CA MET B 112 3.52 -6.44 36.41
C MET B 112 4.04 -5.25 35.62
N LEU B 113 5.31 -4.87 35.83
CA LEU B 113 5.87 -3.74 35.09
C LEU B 113 5.93 -4.04 33.60
N VAL B 114 6.39 -5.23 33.22
CA VAL B 114 6.48 -5.57 31.80
C VAL B 114 5.11 -5.65 31.16
N PHE B 115 4.10 -6.12 31.91
CA PHE B 115 2.75 -6.17 31.38
C PHE B 115 2.23 -4.77 31.05
N VAL B 116 2.39 -3.83 31.99
CA VAL B 116 1.88 -2.47 31.78
C VAL B 116 2.61 -1.80 30.62
N GLN B 117 3.94 -1.93 30.59
CA GLN B 117 4.72 -1.29 29.54
C GLN B 117 4.36 -1.85 28.16
N ALA B 118 4.21 -3.17 28.06
CA ALA B 118 3.87 -3.77 26.77
C ALA B 118 2.51 -3.29 26.27
N ALA B 119 1.51 -3.24 27.16
CA ALA B 119 0.18 -2.79 26.76
C ALA B 119 0.20 -1.34 26.30
N LEU B 120 0.88 -0.47 27.03
CA LEU B 120 0.94 0.94 26.66
C LEU B 120 1.61 1.14 25.31
N SER B 121 2.74 0.45 25.08
CA SER B 121 3.48 0.63 23.83
C SER B 121 2.68 0.15 22.63
N THR B 122 2.04 -1.02 22.73
CA THR B 122 1.31 -1.56 21.59
C THR B 122 0.03 -0.79 21.30
N PHE B 123 -0.48 0.00 22.26
CA PHE B 123 -1.58 0.91 21.95
C PHE B 123 -1.09 2.11 21.15
N VAL B 124 0.12 2.60 21.45
CA VAL B 124 0.70 3.70 20.70
C VAL B 124 0.92 3.29 19.25
N ARG B 125 1.10 2.00 18.98
CA ARG B 125 1.36 1.52 17.63
C ARG B 125 0.22 1.85 16.66
N PHE B 126 -0.98 2.08 17.18
CA PHE B 126 -2.14 2.33 16.33
C PHE B 126 -2.31 3.79 15.95
N PHE B 127 -1.44 4.67 16.44
CA PHE B 127 -1.54 6.08 16.10
C PHE B 127 -1.23 6.29 14.62
N PRO B 128 -1.82 7.31 14.00
CA PRO B 128 -1.51 7.59 12.59
C PRO B 128 -0.28 8.45 12.38
N TRP B 129 0.40 8.87 13.44
CA TRP B 129 1.60 9.69 13.31
C TRP B 129 2.89 8.90 13.54
N VAL B 130 2.84 7.81 14.31
CA VAL B 130 4.00 6.99 14.57
C VAL B 130 4.00 5.71 13.72
N LYS B 131 3.05 5.59 12.80
CA LYS B 131 2.94 4.40 11.96
C LYS B 131 3.63 4.55 10.62
N THR B 132 3.82 5.78 10.13
CA THR B 132 4.43 5.97 8.82
C THR B 132 5.94 5.74 8.85
N LYS B 133 6.60 6.14 9.95
CA LYS B 133 8.05 6.09 9.99
C LYS B 133 8.61 5.51 11.29
N PHE B 134 7.76 5.09 12.24
CA PHE B 134 8.25 4.63 13.53
C PHE B 134 7.56 3.34 13.97
N ASP B 135 7.15 2.51 13.02
CA ASP B 135 6.51 1.24 13.36
C ASP B 135 7.50 0.21 13.88
N TYR B 136 8.80 0.39 13.60
CA TYR B 136 9.82 -0.55 14.06
C TYR B 136 10.36 -0.19 15.44
N GLY B 137 10.44 1.10 15.77
CA GLY B 137 11.00 1.50 17.05
C GLY B 137 10.21 0.96 18.23
N ILE B 138 8.88 1.04 18.15
CA ILE B 138 8.04 0.54 19.24
C ILE B 138 8.18 -0.96 19.39
N LEU B 139 8.25 -1.69 18.28
CA LEU B 139 8.36 -3.14 18.34
C LEU B 139 9.65 -3.57 19.03
N ILE B 140 10.77 -2.94 18.67
CA ILE B 140 12.04 -3.26 19.31
C ILE B 140 12.03 -2.85 20.78
N PHE B 141 11.36 -1.74 21.09
CA PHE B 141 11.25 -1.31 22.49
C PHE B 141 10.59 -2.38 23.35
N ILE B 142 9.46 -2.92 22.89
CA ILE B 142 8.82 -4.01 23.60
C ILE B 142 9.73 -5.22 23.68
N LEU B 143 10.36 -5.56 22.54
CA LEU B 143 11.22 -6.75 22.48
C LEU B 143 12.38 -6.66 23.46
N THR B 144 13.13 -5.55 23.41
CA THR B 144 14.33 -5.42 24.23
C THR B 144 13.99 -5.36 25.71
N PHE B 145 12.94 -4.62 26.08
CA PHE B 145 12.57 -4.50 27.49
C PHE B 145 12.14 -5.86 28.06
N ALA B 146 11.32 -6.60 27.31
CA ALA B 146 10.84 -7.88 27.81
C ALA B 146 11.96 -8.91 27.92
N LEU B 147 12.94 -8.86 27.02
CA LEU B 147 14.05 -9.80 27.07
C LEU B 147 14.95 -9.53 28.27
N ILE B 148 15.33 -8.27 28.47
CA ILE B 148 16.28 -7.94 29.54
C ILE B 148 15.61 -8.09 30.90
N SER B 149 14.39 -7.57 31.04
CA SER B 149 13.72 -7.58 32.34
C SER B 149 13.25 -8.97 32.74
N LEU B 150 13.21 -9.92 31.81
CA LEU B 150 12.73 -11.26 32.10
C LEU B 150 13.65 -12.29 31.44
N SER B 151 14.96 -12.07 31.57
CA SER B 151 15.93 -13.01 31.00
C SER B 151 16.07 -14.26 31.84
N GLY B 152 15.83 -14.16 33.15
CA GLY B 152 15.99 -15.28 34.06
C GLY B 152 17.37 -15.44 34.64
N PHE B 153 18.29 -14.53 34.35
CA PHE B 153 19.65 -14.61 34.87
C PHE B 153 19.73 -14.00 36.27
N ARG B 154 20.92 -13.99 36.84
CA ARG B 154 21.13 -13.43 38.16
C ARG B 154 21.27 -11.90 38.07
N ASP B 155 21.17 -11.26 39.22
CA ASP B 155 21.21 -9.80 39.31
C ASP B 155 22.61 -9.24 39.17
N GLU B 156 23.65 -10.08 39.20
CA GLU B 156 25.02 -9.63 39.08
C GLU B 156 25.56 -9.75 37.66
N GLU B 157 24.68 -10.00 36.69
CA GLU B 157 25.12 -10.11 35.30
C GLU B 157 24.18 -9.39 34.33
N ILE B 158 23.20 -8.64 34.84
CA ILE B 158 22.27 -7.94 33.95
C ILE B 158 22.99 -6.81 33.22
N MET B 159 23.91 -6.12 33.91
CA MET B 159 24.64 -5.04 33.26
C MET B 159 25.47 -5.57 32.09
N ASP B 160 26.12 -6.72 32.27
CA ASP B 160 26.88 -7.30 31.17
C ASP B 160 25.97 -7.72 30.02
N LEU B 161 24.79 -8.26 30.34
CA LEU B 161 23.84 -8.63 29.30
C LEU B 161 23.39 -7.42 28.49
N ALA B 162 23.08 -6.31 29.17
CA ALA B 162 22.66 -5.10 28.46
C ALA B 162 23.78 -4.56 27.60
N GLU B 163 25.01 -4.55 28.11
CA GLU B 163 26.14 -4.08 27.32
C GLU B 163 26.37 -4.96 26.10
N SER B 164 26.27 -6.28 26.26
CA SER B 164 26.49 -7.19 25.14
C SER B 164 25.45 -6.97 24.03
N ARG B 165 24.18 -6.82 24.41
CA ARG B 165 23.14 -6.62 23.41
C ARG B 165 23.37 -5.33 22.62
N LEU B 166 23.69 -4.24 23.31
CA LEU B 166 23.93 -2.97 22.64
C LEU B 166 25.14 -3.05 21.72
N SER B 167 26.21 -3.71 22.17
CA SER B 167 27.44 -3.77 21.37
C SER B 167 27.22 -4.53 20.06
N THR B 168 26.53 -5.67 20.12
CA THR B 168 26.28 -6.44 18.89
C THR B 168 25.41 -5.66 17.92
N VAL B 169 24.37 -4.98 18.41
CA VAL B 169 23.46 -4.26 17.54
C VAL B 169 24.18 -3.15 16.78
N VAL B 170 25.00 -2.38 17.49
CA VAL B 170 25.68 -1.25 16.85
C VAL B 170 26.71 -1.76 15.83
N ILE B 171 27.37 -2.88 16.13
CA ILE B 171 28.37 -3.42 15.21
C ILE B 171 27.69 -3.88 13.91
N GLY B 172 26.59 -4.61 14.03
CA GLY B 172 25.89 -5.07 12.84
C GLY B 172 25.34 -3.92 12.00
N GLY B 173 24.73 -2.94 12.66
CA GLY B 173 24.17 -1.81 11.92
C GLY B 173 25.23 -1.00 11.19
N VAL B 174 26.38 -0.78 11.82
CA VAL B 174 27.44 0.01 11.20
C VAL B 174 27.94 -0.67 9.94
N SER B 175 28.19 -1.99 10.02
CA SER B 175 28.67 -2.72 8.85
C SER B 175 27.64 -2.71 7.73
N CYS B 176 26.36 -2.94 8.07
CA CYS B 176 25.32 -2.98 7.04
C CYS B 176 25.17 -1.63 6.34
N ILE B 177 25.23 -0.54 7.11
CA ILE B 177 25.07 0.79 6.53
C ILE B 177 26.25 1.12 5.63
N LEU B 178 27.47 0.81 6.07
CA LEU B 178 28.66 1.16 5.30
C LEU B 178 28.66 0.51 3.92
N ILE B 179 28.39 -0.80 3.88
CA ILE B 179 28.37 -1.52 2.60
C ILE B 179 27.39 -0.85 1.64
N SER B 180 26.13 -0.71 2.05
CA SER B 180 25.08 -0.17 1.20
C SER B 180 25.26 1.31 0.85
N ILE B 181 26.31 1.97 1.35
CA ILE B 181 26.58 3.35 0.99
C ILE B 181 27.98 3.51 0.39
N PHE B 182 28.65 2.40 0.05
CA PHE B 182 29.96 2.51 -0.57
C PHE B 182 30.07 1.73 -1.88
N VAL B 183 29.73 0.45 -1.86
CA VAL B 183 29.89 -0.41 -3.03
C VAL B 183 28.57 -0.45 -3.82
N CYS B 184 28.56 0.22 -4.98
CA CYS B 184 27.45 0.28 -5.91
C CYS B 184 26.13 0.52 -5.19
N PRO B 185 25.76 1.78 -4.93
CA PRO B 185 24.57 2.04 -4.13
C PRO B 185 23.32 2.14 -4.99
N VAL B 186 22.18 2.10 -4.31
CA VAL B 186 20.86 2.29 -4.90
C VAL B 186 20.09 3.27 -4.01
N TRP B 187 19.84 4.46 -4.53
CA TRP B 187 19.14 5.48 -3.77
C TRP B 187 17.64 5.36 -4.01
N ALA B 188 16.87 5.92 -3.08
CA ALA B 188 15.41 5.82 -3.14
C ALA B 188 14.75 7.06 -3.69
N GLY B 189 15.28 8.25 -3.39
CA GLY B 189 14.74 9.45 -4.00
C GLY B 189 14.96 9.45 -5.50
N GLN B 190 16.13 8.98 -5.94
CA GLN B 190 16.43 8.88 -7.37
C GLN B 190 15.47 7.95 -8.09
N ASP B 191 14.72 7.11 -7.37
CA ASP B 191 13.68 6.28 -7.96
C ASP B 191 12.31 6.91 -7.87
N LEU B 192 12.20 8.12 -7.33
CA LEU B 192 10.98 8.90 -7.36
C LEU B 192 10.96 9.88 -8.52
N HIS B 193 12.11 10.49 -8.81
CA HIS B 193 12.24 11.36 -9.98
C HIS B 193 11.86 10.62 -11.25
N SER B 194 12.61 9.55 -11.57
CA SER B 194 12.38 8.81 -12.81
C SER B 194 10.94 8.33 -12.93
N LEU B 195 10.34 7.91 -11.80
CA LEU B 195 8.95 7.48 -11.83
C LEU B 195 8.03 8.62 -12.23
N LEU B 196 8.26 9.81 -11.69
CA LEU B 196 7.45 10.97 -12.07
C LEU B 196 7.65 11.33 -13.53
N ALA B 197 8.90 11.30 -14.00
CA ALA B 197 9.17 11.63 -15.40
C ALA B 197 8.51 10.62 -16.34
N SER B 198 8.55 9.34 -15.99
CA SER B 198 7.91 8.32 -16.82
C SER B 198 6.40 8.53 -16.89
N ASN B 199 5.79 8.93 -15.78
CA ASN B 199 4.36 9.22 -15.78
C ASN B 199 4.03 10.37 -16.73
N PHE B 200 4.84 11.43 -16.71
CA PHE B 200 4.64 12.55 -17.64
C PHE B 200 4.74 12.09 -19.09
N ASP B 201 5.77 11.31 -19.41
CA ASP B 201 5.97 10.87 -20.80
C ASP B 201 4.84 9.97 -21.26
N THR B 202 4.35 9.08 -20.39
CA THR B 202 3.30 8.15 -20.79
C THR B 202 2.03 8.89 -21.18
N LEU B 203 1.63 9.89 -20.39
CA LEU B 203 0.44 10.66 -20.71
C LEU B 203 0.61 11.43 -22.02
N SER B 204 1.82 11.97 -22.25
CA SER B 204 2.07 12.71 -23.48
C SER B 204 1.93 11.83 -24.71
N HIS B 205 2.39 10.58 -24.63
CA HIS B 205 2.32 9.69 -25.79
C HIS B 205 0.88 9.40 -26.17
N PHE B 206 0.01 9.18 -25.18
CA PHE B 206 -1.41 8.97 -25.49
C PHE B 206 -2.02 10.21 -26.12
N LEU B 207 -1.72 11.39 -25.58
CA LEU B 207 -2.33 12.61 -26.08
C LEU B 207 -1.84 12.93 -27.49
N GLN B 208 -0.58 12.64 -27.79
CA GLN B 208 -0.03 12.95 -29.11
C GLN B 208 -0.55 12.03 -30.21
N ASP B 209 -1.24 10.94 -29.85
CA ASP B 209 -1.74 9.96 -30.81
C ASP B 209 -3.24 9.77 -30.62
N PHE B 210 -3.97 10.88 -30.50
CA PHE B 210 -5.41 10.86 -30.33
C PHE B 210 -6.16 11.23 -31.60
N GLY B 211 -5.62 12.14 -32.41
CA GLY B 211 -6.32 12.57 -33.61
C GLY B 211 -6.48 11.45 -34.61
N ASP B 212 -5.49 10.58 -34.72
CA ASP B 212 -5.56 9.49 -35.70
C ASP B 212 -6.70 8.54 -35.36
N GLU B 213 -6.86 8.20 -34.09
CA GLU B 213 -7.90 7.25 -33.69
C GLU B 213 -9.28 7.89 -33.76
N TYR B 214 -9.41 9.13 -33.28
CA TYR B 214 -10.72 9.76 -33.19
C TYR B 214 -11.27 10.09 -34.57
N PHE B 215 -10.42 10.53 -35.49
CA PHE B 215 -10.85 10.95 -36.81
C PHE B 215 -10.77 9.84 -37.85
N GLU B 216 -10.41 8.62 -37.45
CA GLU B 216 -10.30 7.49 -38.37
C GLU B 216 -9.36 7.79 -39.52
N ALA B 217 -8.24 8.45 -39.21
CA ALA B 217 -7.25 8.78 -40.23
C ALA B 217 -6.58 7.56 -40.82
N ARG B 218 -6.53 6.45 -40.09
CA ARG B 218 -5.92 5.22 -40.59
C ARG B 218 -6.75 4.62 -41.72
N VAL B 225 -1.17 -6.20 -34.86
CA VAL B 225 -1.52 -4.94 -35.50
C VAL B 225 -2.51 -4.16 -34.63
N VAL B 226 -3.77 -4.57 -34.68
CA VAL B 226 -4.80 -3.90 -33.87
C VAL B 226 -4.53 -4.11 -32.39
N GLU B 227 -4.17 -5.33 -32.00
CA GLU B 227 -3.86 -5.60 -30.59
C GLU B 227 -2.62 -4.84 -30.14
N LYS B 228 -1.60 -4.76 -30.99
CA LYS B 228 -0.39 -4.03 -30.64
C LYS B 228 -0.68 -2.55 -30.47
N ARG B 229 -1.49 -1.97 -31.37
CA ARG B 229 -1.85 -0.56 -31.25
C ARG B 229 -2.76 -0.31 -30.05
N LYS B 230 -3.61 -1.29 -29.71
CA LYS B 230 -4.46 -1.15 -28.53
C LYS B 230 -3.61 -1.10 -27.26
N LYS B 231 -2.59 -1.96 -27.16
CA LYS B 231 -1.72 -1.95 -25.99
C LYS B 231 -0.95 -0.64 -25.90
N ASN B 232 -0.50 -0.11 -27.04
CA ASN B 232 0.21 1.17 -27.03
C ASN B 232 -0.70 2.30 -26.54
N LEU B 233 -1.95 2.32 -27.00
CA LEU B 233 -2.88 3.35 -26.56
C LEU B 233 -3.26 3.15 -25.10
N GLU B 234 -3.75 1.97 -24.75
CA GLU B 234 -4.26 1.69 -23.41
C GLU B 234 -3.07 1.32 -22.54
N ARG B 235 -2.32 2.35 -22.13
CA ARG B 235 -1.19 2.18 -21.24
C ARG B 235 -1.22 3.21 -20.10
N TYR B 236 -2.35 3.87 -19.89
CA TYR B 236 -2.47 4.85 -18.80
C TYR B 236 -2.79 4.21 -17.46
N LYS B 237 -2.95 2.89 -17.40
CA LYS B 237 -3.32 2.23 -16.16
C LYS B 237 -2.28 2.46 -15.06
N SER B 238 -1.00 2.49 -15.44
CA SER B 238 0.07 2.67 -14.46
C SER B 238 -0.14 3.96 -13.66
N VAL B 239 -0.38 5.08 -14.35
CA VAL B 239 -0.57 6.36 -13.68
C VAL B 239 -1.69 6.28 -12.65
N LEU B 240 -2.81 5.66 -13.03
CA LEU B 240 -3.95 5.55 -12.13
C LEU B 240 -3.75 4.50 -11.04
N ASP B 241 -2.72 3.66 -11.14
CA ASP B 241 -2.50 2.56 -10.22
C ASP B 241 -1.11 2.65 -9.60
N SER B 242 -0.73 3.85 -9.15
CA SER B 242 0.56 4.05 -8.51
C SER B 242 0.44 4.89 -7.23
N LYS B 243 -0.74 4.89 -6.61
CA LYS B 243 -0.92 5.65 -5.37
C LYS B 243 -0.14 5.01 -4.22
N SER B 244 -0.21 3.68 -4.10
CA SER B 244 0.43 2.98 -2.99
C SER B 244 1.95 2.96 -3.11
N ASP B 245 2.51 3.35 -4.25
CA ASP B 245 3.95 3.31 -4.45
C ASP B 245 4.61 4.69 -4.40
N GLU B 246 3.93 5.73 -4.85
CA GLU B 246 4.50 7.07 -4.74
C GLU B 246 4.59 7.53 -3.29
N GLU B 247 3.71 6.99 -2.43
CA GLU B 247 3.77 7.33 -1.01
C GLU B 247 4.98 6.69 -0.34
N ALA B 248 5.12 5.37 -0.49
CA ALA B 248 6.21 4.64 0.16
C ALA B 248 7.57 5.22 -0.21
N LEU B 249 7.90 5.23 -1.50
CA LEU B 249 9.18 5.74 -1.95
C LEU B 249 9.46 7.14 -1.43
N ALA B 250 8.42 7.97 -1.28
CA ALA B 250 8.60 9.29 -0.69
C ALA B 250 8.99 9.17 0.78
N ASN B 251 8.27 8.34 1.54
CA ASN B 251 8.60 8.13 2.94
C ASN B 251 10.00 7.56 3.12
N TYR B 252 10.36 6.58 2.31
CA TYR B 252 11.68 5.96 2.39
C TYR B 252 12.81 6.93 2.04
N ALA B 253 12.50 8.07 1.42
CA ALA B 253 13.53 8.98 0.92
C ALA B 253 13.71 10.21 1.80
N GLU B 254 13.36 10.11 3.09
CA GLU B 254 13.62 11.19 4.03
C GLU B 254 14.87 10.96 4.87
N TRP B 255 15.42 9.75 4.88
CA TRP B 255 16.64 9.45 5.61
C TRP B 255 17.89 9.53 4.74
N GLU B 256 17.75 9.83 3.45
CA GLU B 256 18.89 9.88 2.56
C GLU B 256 19.80 11.06 2.93
N PRO B 257 21.11 10.89 2.85
CA PRO B 257 22.02 12.02 3.00
C PRO B 257 22.09 12.83 1.73
N PRO B 258 22.74 14.00 1.75
CA PRO B 258 22.88 14.78 0.51
C PRO B 258 23.84 14.13 -0.47
N HIS B 259 23.35 13.14 -1.22
CA HIS B 259 24.18 12.36 -2.13
C HIS B 259 24.42 13.09 -3.46
N GLY B 260 25.10 14.23 -3.34
CA GLY B 260 25.49 14.98 -4.52
C GLY B 260 24.60 16.16 -4.82
N GLN B 261 23.83 16.07 -5.92
CA GLN B 261 22.99 17.20 -6.32
C GLN B 261 21.77 17.33 -5.43
N PHE B 262 21.20 16.20 -4.98
CA PHE B 262 20.02 16.25 -4.13
C PHE B 262 20.37 16.91 -2.79
N ARG B 263 19.43 17.71 -2.29
CA ARG B 263 19.67 18.49 -1.08
C ARG B 263 19.15 17.75 0.15
N PHE B 264 19.47 18.31 1.32
CA PHE B 264 19.03 17.71 2.57
C PHE B 264 17.52 17.81 2.74
N ARG B 265 16.93 18.92 2.30
CA ARG B 265 15.52 19.18 2.54
C ARG B 265 14.74 19.21 1.22
N HIS B 266 15.00 18.24 0.36
CA HIS B 266 14.28 18.16 -0.91
C HIS B 266 12.80 17.96 -0.64
N PRO B 267 11.92 18.77 -1.22
CA PRO B 267 10.48 18.70 -0.89
C PRO B 267 9.73 17.60 -1.63
N TRP B 268 9.80 16.39 -1.07
CA TRP B 268 9.08 15.26 -1.67
C TRP B 268 7.57 15.39 -1.50
N LYS B 269 7.10 16.28 -0.61
CA LYS B 269 5.67 16.51 -0.50
C LYS B 269 5.10 17.09 -1.79
N GLN B 270 5.82 18.01 -2.42
CA GLN B 270 5.39 18.54 -3.71
C GLN B 270 5.38 17.46 -4.78
N TYR B 271 6.28 16.48 -4.70
CA TYR B 271 6.26 15.37 -5.64
C TYR B 271 4.94 14.61 -5.58
N VAL B 272 4.45 14.35 -4.37
CA VAL B 272 3.16 13.67 -4.23
C VAL B 272 2.04 14.54 -4.76
N ALA B 273 2.12 15.86 -4.53
CA ALA B 273 1.09 16.77 -5.02
C ALA B 273 1.04 16.78 -6.55
N VAL B 274 2.21 16.80 -7.20
CA VAL B 274 2.24 16.75 -8.66
C VAL B 274 1.72 15.41 -9.14
N GLY B 275 2.02 14.34 -8.40
CA GLY B 275 1.47 13.03 -8.75
C GLY B 275 -0.05 13.01 -8.74
N ALA B 276 -0.65 13.67 -7.74
CA ALA B 276 -2.10 13.75 -7.68
C ALA B 276 -2.66 14.52 -8.87
N LEU B 277 -2.00 15.60 -9.25
CA LEU B 277 -2.46 16.39 -10.40
C LEU B 277 -2.38 15.58 -11.69
N LEU B 278 -1.30 14.82 -11.87
CA LEU B 278 -1.21 13.93 -13.04
C LEU B 278 -2.29 12.87 -13.00
N ARG B 279 -2.64 12.38 -11.79
CA ARG B 279 -3.73 11.43 -11.67
C ARG B 279 -5.06 12.04 -12.08
N GLN B 280 -5.25 13.33 -11.83
CA GLN B 280 -6.48 13.99 -12.23
C GLN B 280 -6.58 14.11 -13.74
N CYS B 281 -5.47 14.39 -14.42
CA CYS B 281 -5.46 14.36 -15.87
C CYS B 281 -5.79 12.97 -16.39
N ALA B 282 -5.24 11.93 -15.75
CA ALA B 282 -5.53 10.55 -16.16
C ALA B 282 -6.95 10.13 -15.81
N TYR B 283 -7.53 10.73 -14.77
CA TYR B 283 -8.95 10.53 -14.47
C TYR B 283 -9.81 10.72 -15.70
N ARG B 284 -9.74 11.90 -16.31
CA ARG B 284 -10.57 12.22 -17.47
C ARG B 284 -10.11 11.48 -18.72
N ILE B 285 -8.82 11.14 -18.81
CA ILE B 285 -8.32 10.42 -19.98
C ILE B 285 -9.00 9.07 -20.13
N ASP B 286 -9.20 8.36 -19.02
CA ASP B 286 -9.87 7.07 -19.06
C ASP B 286 -11.30 7.21 -19.57
N ALA B 287 -12.00 8.26 -19.15
CA ALA B 287 -13.35 8.53 -19.67
C ALA B 287 -13.32 8.70 -21.18
N LEU B 288 -12.37 9.48 -21.69
CA LEU B 288 -12.27 9.72 -23.13
C LEU B 288 -11.99 8.44 -23.89
N ASN B 289 -11.11 7.59 -23.34
CA ASN B 289 -10.73 6.35 -24.02
C ASN B 289 -11.92 5.40 -24.16
N SER B 290 -12.78 5.33 -23.15
CA SER B 290 -13.96 4.46 -23.24
C SER B 290 -14.89 4.87 -24.38
N TYR B 291 -14.97 6.16 -24.69
CA TYR B 291 -15.76 6.58 -25.86
C TYR B 291 -15.20 5.99 -27.15
N ILE B 292 -13.87 5.98 -27.30
CA ILE B 292 -13.29 5.46 -28.53
C ILE B 292 -13.51 3.96 -28.63
N ASN B 293 -13.24 3.23 -27.55
CA ASN B 293 -13.32 1.77 -27.58
C ASN B 293 -14.72 1.30 -27.96
N SER B 294 -15.75 1.98 -27.48
CA SER B 294 -17.14 1.59 -27.70
C SER B 294 -17.43 1.34 -29.18
N ASP B 295 -18.24 0.33 -29.45
CA ASP B 295 -18.54 -0.01 -30.83
C ASP B 295 -19.38 1.04 -31.51
N PHE B 296 -20.35 1.60 -30.79
CA PHE B 296 -21.22 2.63 -31.36
C PHE B 296 -20.39 3.81 -31.84
N GLN B 297 -20.78 4.37 -32.98
CA GLN B 297 -20.03 5.44 -33.61
C GLN B 297 -20.98 6.42 -34.29
N ILE B 298 -20.45 7.62 -34.55
CA ILE B 298 -21.17 8.68 -35.25
C ILE B 298 -20.56 8.82 -36.64
N PRO B 299 -21.34 9.11 -37.68
CA PRO B 299 -20.79 9.14 -39.04
C PRO B 299 -19.60 10.09 -39.15
N VAL B 300 -18.58 9.64 -39.88
CA VAL B 300 -17.31 10.36 -39.98
C VAL B 300 -17.48 11.70 -40.68
N ASP B 301 -18.49 11.84 -41.53
CA ASP B 301 -18.68 13.06 -42.31
C ASP B 301 -18.71 14.30 -41.40
N ILE B 302 -19.50 14.27 -40.32
CA ILE B 302 -19.59 15.42 -39.41
C ILE B 302 -18.22 15.78 -38.83
N LYS B 303 -17.37 14.77 -38.60
CA LYS B 303 -16.08 14.99 -37.94
C LYS B 303 -15.29 16.14 -38.56
N LYS B 304 -15.26 16.23 -39.90
CA LYS B 304 -14.49 17.28 -40.56
C LYS B 304 -14.99 18.68 -40.21
N LYS B 305 -16.30 18.83 -39.96
CA LYS B 305 -16.85 20.16 -39.70
C LYS B 305 -16.08 20.90 -38.60
N LEU B 306 -15.78 20.22 -37.51
CA LEU B 306 -15.06 20.81 -36.40
C LEU B 306 -13.67 20.20 -36.21
N GLU B 307 -13.08 19.68 -37.30
CA GLU B 307 -11.78 19.03 -37.20
C GLU B 307 -10.70 19.99 -36.74
N THR B 308 -10.60 21.16 -37.36
CA THR B 308 -9.53 22.11 -37.08
C THR B 308 -9.39 22.45 -35.60
N PRO B 309 -10.43 22.84 -34.86
CA PRO B 309 -10.20 23.19 -33.44
C PRO B 309 -9.73 22.03 -32.60
N LEU B 310 -10.38 20.86 -32.71
CA LEU B 310 -10.03 19.72 -31.88
C LEU B 310 -8.57 19.31 -32.08
N ARG B 311 -8.12 19.25 -33.33
CA ARG B 311 -6.75 18.85 -33.63
C ARG B 311 -5.73 19.70 -32.87
N ARG B 312 -5.81 21.02 -33.05
CA ARG B 312 -4.88 21.94 -32.38
C ARG B 312 -4.74 21.63 -30.89
N MET B 313 -5.85 21.35 -30.22
CA MET B 313 -5.79 21.07 -28.78
C MET B 313 -4.90 19.87 -28.48
N SER B 314 -5.12 18.76 -29.17
CA SER B 314 -4.35 17.54 -28.91
C SER B 314 -2.86 17.77 -29.13
N SER B 315 -2.50 18.38 -30.26
CA SER B 315 -1.08 18.56 -30.59
C SER B 315 -0.36 19.38 -29.53
N GLU B 316 -0.86 20.59 -29.24
CA GLU B 316 -0.19 21.48 -28.31
C GLU B 316 -0.14 20.88 -26.90
N SER B 317 -1.23 20.23 -26.47
CA SER B 317 -1.25 19.60 -25.15
C SER B 317 -0.12 18.59 -25.00
N GLY B 318 0.04 17.70 -25.98
CA GLY B 318 1.08 16.68 -25.88
C GLY B 318 2.48 17.26 -25.78
N ASN B 319 2.80 18.23 -26.64
CA ASN B 319 4.13 18.82 -26.63
C ASN B 319 4.45 19.44 -25.27
N SER B 320 3.46 20.02 -24.61
CA SER B 320 3.70 20.62 -23.30
C SER B 320 4.14 19.58 -22.28
N MET B 321 3.41 18.48 -22.19
CA MET B 321 3.79 17.40 -21.28
C MET B 321 5.19 16.89 -21.57
N LYS B 322 5.45 16.53 -22.84
CA LYS B 322 6.75 15.98 -23.21
C LYS B 322 7.90 16.92 -22.84
N GLU B 323 7.75 18.21 -23.17
CA GLU B 323 8.79 19.19 -22.82
C GLU B 323 9.08 19.19 -21.33
N MET B 324 8.04 19.04 -20.50
CA MET B 324 8.23 19.10 -19.06
C MET B 324 9.01 17.88 -18.56
N SER B 325 8.62 16.68 -19.01
CA SER B 325 9.36 15.48 -18.64
C SER B 325 10.82 15.60 -19.01
N ILE B 326 11.13 16.24 -20.14
CA ILE B 326 12.52 16.44 -20.54
C ILE B 326 13.24 17.30 -19.51
N SER B 327 12.63 18.43 -19.14
CA SER B 327 13.26 19.32 -18.16
C SER B 327 13.36 18.66 -16.80
N LEU B 328 12.26 18.10 -16.31
CA LEU B 328 12.25 17.47 -14.99
C LEU B 328 13.29 16.35 -14.89
N LYS B 329 13.58 15.68 -16.02
CA LYS B 329 14.54 14.58 -15.99
C LYS B 329 15.97 15.10 -15.85
N GLN B 330 16.42 15.91 -16.80
CA GLN B 330 17.75 16.51 -16.73
C GLN B 330 17.91 17.45 -15.54
N MET B 331 16.85 17.60 -14.73
CA MET B 331 16.90 18.37 -13.49
C MET B 331 17.34 19.82 -13.75
N ILE B 332 16.78 20.44 -14.79
CA ILE B 332 17.04 21.82 -15.12
C ILE B 332 15.70 22.50 -15.37
N LYS B 333 15.50 23.68 -14.78
CA LYS B 333 14.24 24.39 -14.95
C LYS B 333 14.14 25.00 -16.34
N SER B 334 12.91 25.14 -16.82
CA SER B 334 12.64 25.70 -18.13
C SER B 334 11.22 26.24 -18.15
N SER B 335 10.94 27.06 -19.17
CA SER B 335 9.61 27.65 -19.33
C SER B 335 9.13 27.50 -20.77
N SER B 336 9.56 26.44 -21.45
CA SER B 336 9.14 26.23 -22.83
C SER B 336 7.66 25.89 -22.93
N SER B 337 7.09 25.28 -21.89
CA SER B 337 5.68 24.90 -21.91
C SER B 337 4.75 26.10 -21.90
N ASP B 338 5.26 27.28 -21.53
CA ASP B 338 4.40 28.47 -21.47
C ASP B 338 3.82 28.82 -22.83
N ILE B 339 4.65 28.78 -23.88
CA ILE B 339 4.15 29.10 -25.22
C ILE B 339 3.15 28.06 -25.70
N HIS B 340 3.33 26.80 -25.33
CA HIS B 340 2.42 25.74 -25.79
C HIS B 340 1.05 25.88 -25.16
N VAL B 341 1.00 26.11 -23.84
CA VAL B 341 -0.29 26.26 -23.17
C VAL B 341 -0.98 27.55 -23.60
N SER B 342 -0.19 28.61 -23.88
CA SER B 342 -0.78 29.85 -24.37
C SER B 342 -1.48 29.64 -25.70
N ASN B 343 -0.87 28.87 -26.60
CA ASN B 343 -1.51 28.57 -27.87
C ASN B 343 -2.78 27.75 -27.68
N SER B 344 -2.77 26.83 -26.71
CA SER B 344 -3.96 26.04 -26.42
C SER B 344 -5.09 26.93 -25.95
N GLN B 345 -4.79 27.92 -25.11
CA GLN B 345 -5.82 28.87 -24.68
C GLN B 345 -6.33 29.67 -25.87
N ALA B 346 -5.44 30.06 -26.79
CA ALA B 346 -5.87 30.72 -28.02
C ALA B 346 -6.76 29.81 -28.84
N ALA B 347 -6.46 28.51 -28.88
CA ALA B 347 -7.27 27.57 -29.64
C ALA B 347 -8.69 27.48 -29.09
N CYS B 348 -8.84 27.47 -27.76
CA CYS B 348 -10.17 27.40 -27.17
C CYS B 348 -10.99 28.65 -27.48
N LYS B 349 -10.35 29.82 -27.46
CA LYS B 349 -11.05 31.04 -27.85
C LYS B 349 -11.49 31.01 -29.30
N SER B 350 -10.65 30.49 -30.19
CA SER B 350 -11.03 30.37 -31.60
C SER B 350 -12.22 29.43 -31.77
N LEU B 351 -12.24 28.33 -31.02
CA LEU B 351 -13.36 27.40 -31.07
C LEU B 351 -14.64 28.08 -30.59
N SER B 352 -14.55 28.88 -29.53
CA SER B 352 -15.72 29.60 -29.04
C SER B 352 -16.24 30.57 -30.10
N THR B 353 -15.33 31.30 -30.76
CA THR B 353 -15.75 32.22 -31.82
C THR B 353 -16.41 31.46 -32.97
N LEU B 354 -15.88 30.28 -33.30
CA LEU B 354 -16.52 29.44 -34.31
C LEU B 354 -17.90 29.00 -33.86
N LEU B 355 -18.07 28.76 -32.55
CA LEU B 355 -19.37 28.34 -32.04
C LEU B 355 -20.41 29.45 -32.09
N LYS B 356 -19.98 30.71 -32.13
CA LYS B 356 -20.93 31.80 -32.34
C LYS B 356 -21.73 31.61 -33.62
N SER B 357 -21.07 31.16 -34.70
CA SER B 357 -21.74 31.01 -35.98
C SER B 357 -22.80 29.93 -35.97
N GLY B 358 -22.76 29.01 -35.02
CA GLY B 358 -23.75 27.95 -34.95
C GLY B 358 -23.73 27.04 -36.16
N ILE B 359 -22.54 26.64 -36.62
CA ILE B 359 -22.43 25.77 -37.79
C ILE B 359 -23.02 24.40 -37.50
N LEU B 360 -23.00 23.97 -36.23
CA LEU B 360 -23.44 22.64 -35.83
C LEU B 360 -24.96 22.45 -35.89
N ASN B 361 -25.73 23.39 -36.44
CA ASN B 361 -27.17 23.20 -36.53
C ASN B 361 -27.52 22.19 -37.63
N ASP B 362 -28.79 21.83 -37.67
CA ASP B 362 -29.32 20.90 -38.67
C ASP B 362 -28.61 19.54 -38.62
N VAL B 363 -28.39 19.05 -37.40
CA VAL B 363 -27.80 17.74 -37.18
C VAL B 363 -28.72 16.93 -36.28
N GLU B 364 -28.52 15.62 -36.31
CA GLU B 364 -29.33 14.73 -35.48
C GLU B 364 -28.94 14.89 -34.01
N PRO B 365 -29.89 15.20 -33.12
CA PRO B 365 -29.55 15.37 -31.71
C PRO B 365 -28.97 14.13 -31.06
N LEU B 366 -29.36 12.94 -31.50
CA LEU B 366 -28.88 11.71 -30.87
C LEU B 366 -27.39 11.53 -31.08
N GLN B 367 -26.90 11.78 -32.30
CA GLN B 367 -25.47 11.69 -32.55
C GLN B 367 -24.71 12.90 -32.05
N MET B 368 -25.42 14.00 -31.77
CA MET B 368 -24.78 15.21 -31.26
C MET B 368 -24.25 15.00 -29.85
N ILE B 369 -24.93 14.18 -29.04
CA ILE B 369 -24.54 13.97 -27.65
C ILE B 369 -23.10 13.45 -27.57
N SER B 370 -22.76 12.48 -28.43
CA SER B 370 -21.42 11.91 -28.41
C SER B 370 -20.37 12.93 -28.81
N LEU B 371 -20.58 13.62 -29.93
CA LEU B 371 -19.63 14.63 -30.39
C LEU B 371 -19.44 15.71 -29.33
N MET B 372 -20.51 16.12 -28.66
CA MET B 372 -20.42 17.20 -27.67
C MET B 372 -19.58 16.79 -26.46
N THR B 373 -19.77 15.55 -25.99
CA THR B 373 -19.03 15.10 -24.81
C THR B 373 -17.52 15.14 -25.05
N THR B 374 -17.09 14.77 -26.25
CA THR B 374 -15.66 14.82 -26.58
C THR B 374 -15.11 16.22 -26.42
N VAL B 375 -15.83 17.22 -26.94
CA VAL B 375 -15.39 18.61 -26.82
C VAL B 375 -15.24 19.00 -25.35
N SER B 376 -16.14 18.50 -24.49
CA SER B 376 -16.10 18.84 -23.07
C SER B 376 -14.80 18.35 -22.43
N MET B 377 -14.45 17.08 -22.66
CA MET B 377 -13.26 16.50 -22.04
C MET B 377 -12.00 17.28 -22.42
N LEU B 378 -11.87 17.64 -23.70
CA LEU B 378 -10.67 18.32 -24.16
C LEU B 378 -10.48 19.67 -23.47
N ILE B 379 -11.57 20.41 -23.24
CA ILE B 379 -11.44 21.73 -22.63
C ILE B 379 -10.90 21.61 -21.21
N ASP B 380 -11.34 20.62 -20.44
CA ASP B 380 -10.83 20.45 -19.07
C ASP B 380 -9.34 20.15 -19.08
N ILE B 381 -8.89 19.28 -19.99
CA ILE B 381 -7.48 18.91 -20.03
C ILE B 381 -6.61 20.13 -20.32
N VAL B 382 -7.13 21.07 -21.10
CA VAL B 382 -6.39 22.31 -21.35
C VAL B 382 -6.29 23.13 -20.06
N ASN B 383 -7.39 23.23 -19.32
CA ASN B 383 -7.35 23.93 -18.03
C ASN B 383 -6.51 23.17 -17.02
N LEU B 384 -6.68 21.85 -16.93
CA LEU B 384 -5.94 21.05 -15.96
C LEU B 384 -4.45 21.12 -16.21
N THR B 385 -4.03 21.08 -17.47
CA THR B 385 -2.61 21.20 -17.79
C THR B 385 -2.05 22.54 -17.29
N GLU B 386 -2.84 23.61 -17.40
CA GLU B 386 -2.38 24.92 -16.96
C GLU B 386 -2.05 24.91 -15.48
N LYS B 387 -2.91 24.29 -14.66
CA LYS B 387 -2.66 24.21 -13.22
C LYS B 387 -1.38 23.44 -12.93
N ILE B 388 -1.22 22.28 -13.58
CA ILE B 388 -0.03 21.46 -13.40
C ILE B 388 1.22 22.26 -13.75
N SER B 389 1.12 23.17 -14.72
CA SER B 389 2.28 23.99 -15.09
C SER B 389 2.74 24.87 -13.94
N GLU B 390 1.79 25.40 -13.16
CA GLU B 390 2.17 26.23 -12.01
C GLU B 390 2.87 25.41 -10.94
N SER B 391 2.37 24.21 -10.65
CA SER B 391 2.97 23.37 -9.62
C SER B 391 4.39 22.97 -9.98
N VAL B 392 4.60 22.55 -11.24
CA VAL B 392 5.95 22.18 -11.68
C VAL B 392 6.87 23.40 -11.65
N HIS B 393 6.34 24.57 -12.02
CA HIS B 393 7.14 25.79 -12.04
C HIS B 393 7.60 26.22 -10.65
N GLU B 394 7.15 25.54 -9.60
CA GLU B 394 7.57 25.83 -8.23
C GLU B 394 8.33 24.68 -7.58
N LEU B 395 8.03 23.44 -7.93
CA LEU B 395 8.82 22.30 -7.45
C LEU B 395 10.27 22.41 -7.88
N ALA B 396 10.54 23.13 -8.97
CA ALA B 396 11.89 23.36 -9.46
C ALA B 396 12.49 24.66 -8.91
N SER B 397 11.81 25.32 -7.99
CA SER B 397 12.28 26.54 -7.37
C SER B 397 12.55 26.36 -5.88
N ALA B 398 11.62 25.73 -5.15
CA ALA B 398 11.88 25.41 -3.75
C ALA B 398 13.11 24.54 -3.61
N ALA B 399 13.29 23.59 -4.51
CA ALA B 399 14.50 22.80 -4.58
C ALA B 399 15.46 23.42 -5.59
N ARG B 400 16.76 23.18 -5.38
CA ARG B 400 17.79 23.81 -6.20
C ARG B 400 17.98 23.01 -7.48
N PHE B 401 17.52 23.57 -8.60
CA PHE B 401 17.55 22.88 -9.89
C PHE B 401 18.59 23.46 -10.83
N LYS B 402 19.61 24.13 -10.30
CA LYS B 402 20.69 24.65 -11.13
C LYS B 402 21.51 23.52 -11.75
#